data_5AIX
#
_entry.id   5AIX
#
_cell.length_a   122.228
_cell.length_b   122.228
_cell.length_c   106.023
_cell.angle_alpha   90.00
_cell.angle_beta   90.00
_cell.angle_gamma   90.00
#
_symmetry.space_group_name_H-M   'I 41'
#
loop_
_entity.id
_entity.type
_entity.pdbx_description
1 polymer 'HEMATOPOIETIC PROSTAGLANDIN D SYNTHASE'
2 non-polymer 'MAGNESIUM ION'
3 non-polymer GLUTATHIONE
4 non-polymer 6-(3-methoxyphenyl)-N-[1-(2,2,2-trifluoroethyl)piperidin-4-yl]pyridine-3-carboxamide
5 water water
#
_entity_poly.entity_id   1
_entity_poly.type   'polypeptide(L)'
_entity_poly.pdbx_seq_one_letter_code
;HPNYKLTYFNMRGRAEIIRYIFAYLDIQYEDHRIEQADWPEIKSTLPFGKIPILEVDGLTLHQSLAIARYLTENTDLAGN
TEMEQCHVDAIVDTLDDFMSCFPWAEKKQDVKEQMFNELLTYNAPHLMQDLDTYLGGREWLIGNSVTWADFYWEICSTTL
LVFKPDLLDNHPRLVTLRKKVQAIPAVANWIKRRPQTKL
;
_entity_poly.pdbx_strand_id   A,B,C,D
#
# COMPACT_ATOMS: atom_id res chain seq x y z
N PRO A 2 -13.81 -7.27 4.30
CA PRO A 2 -14.77 -6.18 4.13
C PRO A 2 -16.21 -6.68 4.06
N ASN A 3 -17.17 -5.79 4.29
CA ASN A 3 -18.56 -6.13 4.07
C ASN A 3 -19.08 -5.33 2.87
N TYR A 4 -19.51 -6.03 1.82
CA TYR A 4 -19.95 -5.36 0.59
C TYR A 4 -21.48 -5.28 0.45
N LYS A 5 -21.99 -4.09 0.15
CA LYS A 5 -23.39 -3.91 -0.25
C LYS A 5 -23.51 -3.13 -1.55
N LEU A 6 -23.90 -3.84 -2.60
CA LEU A 6 -24.11 -3.27 -3.93
C LEU A 6 -25.57 -2.92 -4.13
N THR A 7 -25.81 -1.67 -4.51
CA THR A 7 -27.15 -1.18 -4.69
C THR A 7 -27.46 -0.82 -6.15
N TYR A 8 -28.54 -1.40 -6.70
CA TYR A 8 -29.02 -1.16 -8.08
C TYR A 8 -30.48 -1.58 -8.23
N PHE A 9 -31.01 -1.48 -9.45
CA PHE A 9 -32.34 -1.98 -9.81
C PHE A 9 -32.35 -3.48 -10.00
N ASN A 10 -33.57 -4.04 -10.00
CA ASN A 10 -33.74 -5.44 -10.38
C ASN A 10 -33.57 -5.61 -11.89
N MET A 11 -32.31 -5.77 -12.30
CA MET A 11 -31.94 -5.99 -13.70
C MET A 11 -30.44 -6.31 -13.81
N ARG A 12 -29.90 -6.39 -15.02
CA ARG A 12 -28.47 -6.63 -15.21
C ARG A 12 -27.70 -5.33 -15.46
N GLY A 13 -27.85 -4.80 -16.68
CA GLY A 13 -27.44 -3.43 -17.02
C GLY A 13 -26.05 -3.14 -16.50
N ARG A 14 -25.95 -2.07 -15.72
CA ARG A 14 -24.68 -1.59 -15.17
C ARG A 14 -24.12 -2.36 -13.98
N ALA A 15 -24.96 -3.07 -13.25
CA ALA A 15 -24.46 -3.71 -12.04
C ALA A 15 -23.81 -5.06 -12.31
N GLU A 16 -24.19 -5.65 -13.43
CA GLU A 16 -23.89 -7.04 -13.76
C GLU A 16 -22.40 -7.30 -13.78
N ILE A 17 -21.64 -6.35 -14.31
CA ILE A 17 -20.18 -6.53 -14.37
C ILE A 17 -19.63 -6.79 -12.97
N ILE A 18 -20.21 -6.14 -11.97
CA ILE A 18 -19.85 -6.28 -10.55
C ILE A 18 -20.27 -7.64 -9.96
N ARG A 19 -21.52 -8.04 -10.23
CA ARG A 19 -22.02 -9.34 -9.85
C ARG A 19 -21.16 -10.49 -10.43
N TYR A 20 -20.80 -10.41 -11.70
CA TYR A 20 -19.94 -11.40 -12.32
C TYR A 20 -18.61 -11.51 -11.58
N ILE A 21 -18.03 -10.36 -11.28
CA ILE A 21 -16.75 -10.26 -10.62
C ILE A 21 -16.77 -10.84 -9.19
N PHE A 22 -17.82 -10.50 -8.45
CA PHE A 22 -18.12 -11.07 -7.15
C PHE A 22 -18.20 -12.59 -7.19
N ALA A 23 -18.94 -13.15 -8.15
CA ALA A 23 -19.05 -14.63 -8.32
C ALA A 23 -17.72 -15.27 -8.74
N TYR A 24 -17.05 -14.71 -9.76
CA TYR A 24 -15.75 -15.23 -10.20
C TYR A 24 -14.74 -15.20 -9.04
N LEU A 25 -14.54 -14.01 -8.48
CA LEU A 25 -13.72 -13.87 -7.30
C LEU A 25 -14.24 -14.60 -6.05
N ASP A 26 -15.51 -15.03 -6.06
CA ASP A 26 -16.11 -15.74 -4.91
C ASP A 26 -16.11 -14.84 -3.67
N ILE A 27 -16.78 -13.69 -3.76
CA ILE A 27 -16.78 -12.69 -2.71
C ILE A 27 -18.20 -12.50 -2.19
N GLN A 28 -18.41 -12.87 -0.94
CA GLN A 28 -19.70 -12.74 -0.30
C GLN A 28 -20.08 -11.26 -0.27
N TYR A 29 -21.31 -10.95 -0.69
CA TYR A 29 -21.75 -9.57 -0.85
C TYR A 29 -23.27 -9.43 -0.81
N GLU A 30 -23.73 -8.26 -0.38
CA GLU A 30 -25.15 -8.00 -0.24
C GLU A 30 -25.73 -7.42 -1.53
N ASP A 31 -26.46 -8.26 -2.26
CA ASP A 31 -26.98 -7.87 -3.56
C ASP A 31 -28.34 -7.17 -3.47
N HIS A 32 -28.32 -5.89 -3.08
CA HIS A 32 -29.57 -5.17 -2.88
C HIS A 32 -30.12 -4.54 -4.16
N ARG A 33 -31.30 -5.00 -4.56
CA ARG A 33 -31.98 -4.53 -5.74
C ARG A 33 -33.18 -3.72 -5.27
N ILE A 34 -33.62 -2.76 -6.08
CA ILE A 34 -34.74 -1.89 -5.72
C ILE A 34 -35.68 -1.68 -6.89
N GLU A 35 -36.95 -1.47 -6.57
CA GLU A 35 -37.91 -0.92 -7.50
C GLU A 35 -37.87 0.60 -7.33
N GLN A 36 -38.19 1.34 -8.39
CA GLN A 36 -38.32 2.81 -8.31
C GLN A 36 -38.88 3.32 -6.97
N ALA A 37 -40.02 2.76 -6.57
CA ALA A 37 -40.70 3.08 -5.30
C ALA A 37 -39.88 3.87 -4.27
N ASP A 38 -38.67 3.40 -3.96
CA ASP A 38 -37.82 4.06 -2.97
C ASP A 38 -36.55 4.67 -3.59
N TRP A 39 -36.71 5.23 -4.78
CA TRP A 39 -35.56 5.72 -5.54
C TRP A 39 -35.13 7.16 -5.14
N PRO A 40 -36.02 8.18 -5.29
CA PRO A 40 -35.57 9.53 -4.92
C PRO A 40 -35.40 9.68 -3.42
N GLU A 41 -35.97 8.73 -2.69
CA GLU A 41 -35.77 8.54 -1.26
C GLU A 41 -34.29 8.19 -0.99
N ILE A 42 -33.73 7.35 -1.87
CA ILE A 42 -32.32 6.94 -1.86
C ILE A 42 -31.44 8.02 -2.53
N LYS A 43 -31.68 8.27 -3.82
CA LYS A 43 -30.92 9.21 -4.69
C LYS A 43 -30.38 10.46 -4.00
N SER A 44 -31.19 10.99 -3.07
CA SER A 44 -30.81 12.08 -2.18
C SER A 44 -29.53 11.83 -1.40
N THR A 45 -29.37 10.61 -0.86
CA THR A 45 -28.24 10.28 0.03
C THR A 45 -26.95 9.92 -0.71
N LEU A 46 -26.88 10.32 -1.97
CA LEU A 46 -25.79 9.90 -2.87
C LEU A 46 -25.03 11.06 -3.48
N PRO A 47 -23.72 11.07 -3.23
CA PRO A 47 -22.81 12.08 -3.76
C PRO A 47 -23.12 12.51 -5.21
N PHE A 48 -23.41 11.55 -6.07
CA PHE A 48 -23.58 11.84 -7.49
C PHE A 48 -24.91 11.39 -8.04
N GLY A 49 -25.74 10.85 -7.18
CA GLY A 49 -27.15 10.59 -7.46
C GLY A 49 -27.37 9.68 -8.64
N LYS A 50 -26.39 8.80 -8.86
CA LYS A 50 -26.44 7.84 -9.95
C LYS A 50 -26.06 6.51 -9.37
N ILE A 51 -26.68 5.47 -9.89
CA ILE A 51 -26.40 4.10 -9.49
C ILE A 51 -26.00 3.29 -10.72
N PRO A 52 -25.35 2.11 -10.54
CA PRO A 52 -25.01 1.39 -9.30
C PRO A 52 -24.06 2.11 -8.37
N ILE A 53 -24.12 1.74 -7.10
CA ILE A 53 -23.17 2.19 -6.09
C ILE A 53 -22.78 1.00 -5.23
N LEU A 54 -21.60 1.06 -4.63
CA LEU A 54 -21.16 0.01 -3.69
C LEU A 54 -20.71 0.55 -2.35
N GLU A 55 -21.43 0.19 -1.29
CA GLU A 55 -20.97 0.50 0.04
C GLU A 55 -20.05 -0.61 0.51
N VAL A 56 -18.87 -0.19 0.96
CA VAL A 56 -17.86 -1.05 1.56
C VAL A 56 -17.61 -0.53 2.96
N ASP A 57 -18.41 -1.02 3.90
CA ASP A 57 -18.40 -0.55 5.30
C ASP A 57 -18.76 0.93 5.38
N GLY A 58 -19.94 1.28 4.86
CA GLY A 58 -20.45 2.65 4.95
C GLY A 58 -19.70 3.63 4.07
N LEU A 59 -18.47 3.24 3.70
CA LEU A 59 -17.72 3.99 2.68
C LEU A 59 -18.34 3.63 1.34
N THR A 60 -18.88 4.65 0.70
CA THR A 60 -19.69 4.52 -0.50
C THR A 60 -18.77 4.76 -1.68
N LEU A 61 -19.02 4.01 -2.76
CA LEU A 61 -18.20 4.08 -3.98
C LEU A 61 -19.11 4.02 -5.17
N HIS A 62 -18.74 4.73 -6.22
CA HIS A 62 -19.61 4.83 -7.37
C HIS A 62 -18.87 4.53 -8.66
N GLN A 63 -19.59 4.67 -9.76
CA GLN A 63 -19.11 4.32 -11.11
C GLN A 63 -18.83 2.84 -11.27
N SER A 64 -19.81 2.17 -11.87
CA SER A 64 -19.81 0.73 -12.10
C SER A 64 -18.49 0.13 -12.61
N LEU A 65 -17.81 0.83 -13.52
CA LEU A 65 -16.56 0.29 -14.04
C LEU A 65 -15.42 0.53 -13.09
N ALA A 66 -15.52 1.62 -12.33
CA ALA A 66 -14.44 2.03 -11.47
C ALA A 66 -14.44 1.10 -10.28
N ILE A 67 -15.64 0.66 -9.94
CA ILE A 67 -15.86 -0.29 -8.89
C ILE A 67 -15.39 -1.67 -9.35
N ALA A 68 -15.79 -2.08 -10.55
CA ALA A 68 -15.46 -3.44 -11.02
C ALA A 68 -13.96 -3.57 -11.09
N ARG A 69 -13.32 -2.50 -11.55
CA ARG A 69 -11.90 -2.49 -11.62
C ARG A 69 -11.39 -2.69 -10.22
N TYR A 70 -11.79 -1.81 -9.31
CA TYR A 70 -11.34 -1.85 -7.91
C TYR A 70 -11.43 -3.27 -7.38
N LEU A 71 -12.54 -3.93 -7.66
CA LEU A 71 -12.73 -5.33 -7.26
C LEU A 71 -11.83 -6.35 -7.96
N THR A 72 -11.27 -6.01 -9.11
CA THR A 72 -10.38 -6.95 -9.80
C THR A 72 -8.90 -6.69 -9.49
N GLU A 73 -8.62 -5.57 -8.83
CA GLU A 73 -7.25 -5.19 -8.46
C GLU A 73 -6.55 -6.30 -7.69
N ASN A 74 -5.48 -6.83 -8.25
CA ASN A 74 -4.62 -7.84 -7.60
C ASN A 74 -5.15 -9.24 -7.70
N THR A 75 -6.10 -9.40 -8.61
CA THR A 75 -6.49 -10.71 -9.11
C THR A 75 -5.91 -10.91 -10.51
N ASP A 76 -6.36 -11.94 -11.21
CA ASP A 76 -5.94 -12.21 -12.56
C ASP A 76 -6.96 -11.66 -13.57
N LEU A 77 -8.20 -11.57 -13.13
CA LEU A 77 -9.22 -10.86 -13.87
C LEU A 77 -8.73 -9.50 -14.37
N ALA A 78 -7.76 -8.92 -13.67
CA ALA A 78 -7.27 -7.56 -13.96
C ALA A 78 -6.46 -7.42 -15.24
N GLY A 79 -6.11 -8.55 -15.86
CA GLY A 79 -5.08 -8.55 -16.89
C GLY A 79 -3.80 -8.79 -16.12
N ASN A 80 -2.81 -9.38 -16.77
CA ASN A 80 -1.64 -9.88 -16.06
C ASN A 80 -0.44 -8.97 -16.03
N THR A 81 -0.56 -7.83 -16.72
CA THR A 81 0.56 -6.92 -16.91
C THR A 81 -0.06 -5.57 -17.01
N GLU A 82 0.69 -4.54 -16.65
CA GLU A 82 0.19 -3.19 -16.82
C GLU A 82 -0.39 -3.10 -18.22
N MET A 83 0.45 -3.35 -19.23
CA MET A 83 0.09 -3.30 -20.65
C MET A 83 -1.22 -4.00 -20.95
N GLU A 84 -1.38 -5.22 -20.45
CA GLU A 84 -2.63 -5.88 -20.66
C GLU A 84 -3.74 -5.10 -19.99
N GLN A 85 -3.54 -4.75 -18.73
CA GLN A 85 -4.55 -4.01 -17.95
C GLN A 85 -4.94 -2.74 -18.69
N CYS A 86 -4.01 -2.17 -19.45
CA CYS A 86 -4.32 -0.97 -20.22
C CYS A 86 -5.25 -1.37 -21.36
N HIS A 87 -5.08 -2.59 -21.88
CA HIS A 87 -5.90 -3.08 -22.98
C HIS A 87 -7.30 -3.47 -22.50
N VAL A 88 -7.35 -3.99 -21.28
CA VAL A 88 -8.57 -4.56 -20.68
C VAL A 88 -9.53 -3.42 -20.41
N ASP A 89 -8.94 -2.32 -19.96
CA ASP A 89 -9.59 -1.05 -19.71
C ASP A 89 -10.13 -0.42 -21.00
N ALA A 90 -9.29 -0.48 -22.04
CA ALA A 90 -9.57 0.08 -23.34
C ALA A 90 -10.80 -0.61 -23.90
N ILE A 91 -10.79 -1.94 -23.93
CA ILE A 91 -11.95 -2.71 -24.38
C ILE A 91 -13.19 -2.44 -23.56
N VAL A 92 -13.07 -2.41 -22.24
CA VAL A 92 -14.20 -2.10 -21.35
C VAL A 92 -14.82 -0.71 -21.63
N ASP A 93 -13.98 0.31 -21.88
CA ASP A 93 -14.46 1.63 -22.28
C ASP A 93 -15.10 1.66 -23.67
N THR A 94 -14.46 1.00 -24.62
CA THR A 94 -14.92 0.94 -25.98
C THR A 94 -16.30 0.31 -26.01
N LEU A 95 -16.44 -0.77 -25.25
CA LEU A 95 -17.68 -1.43 -24.98
C LEU A 95 -18.63 -0.48 -24.28
N ASP A 96 -18.27 0.05 -23.12
CA ASP A 96 -19.13 1.04 -22.41
C ASP A 96 -19.48 2.27 -23.27
N ASP A 97 -18.53 2.73 -24.08
CA ASP A 97 -18.82 3.85 -24.97
C ASP A 97 -19.99 3.53 -25.87
N PHE A 98 -19.98 2.37 -26.49
CA PHE A 98 -21.07 2.03 -27.36
C PHE A 98 -22.39 1.89 -26.63
N MET A 99 -22.34 1.36 -25.43
CA MET A 99 -23.56 1.11 -24.69
C MET A 99 -24.20 2.44 -24.29
N SER A 100 -23.42 3.36 -23.74
CA SER A 100 -23.91 4.71 -23.39
C SER A 100 -24.53 5.53 -24.55
N CYS A 101 -24.50 4.97 -25.76
CA CYS A 101 -25.04 5.60 -26.96
C CYS A 101 -26.52 5.28 -27.16
N PHE A 102 -27.04 4.35 -26.37
CA PHE A 102 -28.43 3.97 -26.45
C PHE A 102 -29.30 4.86 -25.61
N PRO A 103 -30.42 5.32 -26.19
CA PRO A 103 -31.33 6.10 -25.35
C PRO A 103 -31.97 5.08 -24.42
N TRP A 104 -31.40 4.91 -23.23
CA TRP A 104 -31.91 3.85 -22.34
C TRP A 104 -33.30 4.18 -21.80
N ALA A 105 -33.50 5.42 -21.34
CA ALA A 105 -34.77 5.75 -20.66
C ALA A 105 -35.82 6.40 -21.58
N GLU A 106 -35.48 6.48 -22.87
CA GLU A 106 -36.35 6.99 -23.93
C GLU A 106 -37.74 6.33 -23.92
N LYS A 107 -38.77 7.15 -23.72
CA LYS A 107 -40.15 6.68 -23.51
C LYS A 107 -41.07 6.89 -24.72
N LYS A 108 -40.55 7.54 -25.76
CA LYS A 108 -41.17 7.50 -27.10
C LYS A 108 -40.70 6.17 -27.73
N GLN A 109 -41.54 5.16 -27.63
CA GLN A 109 -41.18 3.77 -28.00
C GLN A 109 -40.59 3.65 -29.42
N ASP A 110 -41.15 4.44 -30.35
CA ASP A 110 -40.75 4.43 -31.76
C ASP A 110 -39.36 5.06 -32.04
N VAL A 111 -39.07 6.24 -31.47
CA VAL A 111 -37.71 6.84 -31.49
C VAL A 111 -36.66 5.87 -30.91
N LYS A 112 -37.02 5.20 -29.82
CA LYS A 112 -36.24 4.11 -29.30
C LYS A 112 -35.95 3.10 -30.43
N GLU A 113 -36.95 2.31 -30.81
CA GLU A 113 -36.91 1.38 -31.94
C GLU A 113 -35.99 1.83 -33.10
N GLN A 114 -36.30 2.99 -33.69
CA GLN A 114 -35.50 3.57 -34.80
C GLN A 114 -34.01 3.63 -34.48
N MET A 115 -33.65 4.31 -33.38
CA MET A 115 -32.24 4.53 -33.02
C MET A 115 -31.59 3.20 -32.69
N PHE A 116 -32.19 2.50 -31.73
CA PHE A 116 -31.77 1.15 -31.38
C PHE A 116 -31.47 0.36 -32.65
N ASN A 117 -32.48 0.17 -33.49
CA ASN A 117 -32.32 -0.62 -34.71
C ASN A 117 -31.23 -0.09 -35.66
N GLU A 118 -31.10 1.24 -35.73
CA GLU A 118 -30.10 1.86 -36.60
C GLU A 118 -28.70 1.84 -35.97
N LEU A 119 -28.67 1.84 -34.64
CA LEU A 119 -27.41 1.70 -33.90
C LEU A 119 -26.85 0.29 -34.11
N LEU A 120 -27.76 -0.69 -34.17
CA LEU A 120 -27.39 -2.07 -34.48
C LEU A 120 -27.13 -2.19 -35.98
N THR A 121 -27.87 -1.42 -36.77
CA THR A 121 -27.72 -1.37 -38.22
C THR A 121 -26.34 -0.89 -38.64
N TYR A 122 -25.97 0.31 -38.18
CA TYR A 122 -24.78 0.98 -38.68
C TYR A 122 -23.62 0.97 -37.69
N ASN A 123 -23.87 1.43 -36.47
CA ASN A 123 -22.80 1.43 -35.44
C ASN A 123 -22.40 0.00 -35.04
N ALA A 124 -23.28 -0.74 -34.37
CA ALA A 124 -22.95 -2.09 -33.90
C ALA A 124 -22.20 -3.03 -34.85
N PRO A 125 -22.56 -3.09 -36.14
CA PRO A 125 -21.76 -4.09 -36.83
C PRO A 125 -20.36 -3.59 -37.11
N HIS A 126 -20.15 -2.28 -37.01
CA HIS A 126 -18.81 -1.71 -37.19
C HIS A 126 -17.91 -2.08 -36.00
N LEU A 127 -18.51 -2.13 -34.83
CA LEU A 127 -17.78 -2.45 -33.61
C LEU A 127 -17.53 -3.98 -33.54
N MET A 128 -18.47 -4.76 -34.04
CA MET A 128 -18.33 -6.23 -34.13
C MET A 128 -17.10 -6.72 -34.92
N GLN A 129 -16.86 -6.14 -36.10
CA GLN A 129 -15.74 -6.53 -36.91
C GLN A 129 -14.47 -6.13 -36.20
N ASP A 130 -14.51 -4.98 -35.55
CA ASP A 130 -13.37 -4.48 -34.81
C ASP A 130 -13.04 -5.40 -33.62
N LEU A 131 -14.08 -5.90 -32.97
CA LEU A 131 -13.92 -6.77 -31.80
C LEU A 131 -13.51 -8.14 -32.24
N ASP A 132 -14.16 -8.60 -33.31
CA ASP A 132 -13.92 -9.85 -33.97
C ASP A 132 -12.48 -10.00 -34.35
N THR A 133 -11.95 -8.95 -34.97
CA THR A 133 -10.64 -8.93 -35.55
C THR A 133 -9.56 -8.48 -34.56
N TYR A 134 -10.00 -7.83 -33.48
CA TYR A 134 -9.16 -7.61 -32.33
C TYR A 134 -9.01 -8.97 -31.64
N LEU A 135 -10.12 -9.66 -31.43
CA LEU A 135 -10.07 -10.98 -30.83
C LEU A 135 -9.18 -11.90 -31.68
N GLY A 136 -9.42 -11.91 -33.00
CA GLY A 136 -8.77 -12.90 -33.86
C GLY A 136 -9.31 -14.28 -33.53
N GLY A 137 -8.45 -15.27 -33.69
CA GLY A 137 -8.82 -16.65 -33.38
C GLY A 137 -8.31 -16.97 -31.98
N ARG A 138 -7.79 -15.96 -31.28
CA ARG A 138 -7.28 -16.16 -29.93
C ARG A 138 -8.37 -16.60 -28.93
N GLU A 139 -7.96 -17.06 -27.74
CA GLU A 139 -8.91 -17.60 -26.77
C GLU A 139 -9.75 -16.51 -26.09
N TRP A 140 -9.07 -15.52 -25.54
CA TRP A 140 -9.72 -14.48 -24.74
C TRP A 140 -9.37 -13.14 -25.40
N LEU A 141 -10.06 -12.05 -25.07
CA LEU A 141 -9.78 -10.78 -25.76
C LEU A 141 -8.37 -10.25 -25.51
N ILE A 142 -7.98 -10.23 -24.25
CA ILE A 142 -6.64 -9.86 -23.84
C ILE A 142 -5.97 -11.08 -23.14
N GLY A 143 -4.69 -11.28 -23.43
CA GLY A 143 -3.80 -12.19 -22.69
C GLY A 143 -3.94 -13.69 -22.95
N ASN A 144 -3.34 -14.49 -22.05
CA ASN A 144 -3.51 -15.94 -22.07
C ASN A 144 -4.72 -16.48 -21.32
N SER A 145 -5.36 -15.61 -20.56
CA SER A 145 -6.47 -16.05 -19.70
C SER A 145 -7.61 -15.01 -19.61
N VAL A 146 -8.78 -15.46 -19.15
CA VAL A 146 -9.99 -14.61 -19.08
C VAL A 146 -9.72 -13.38 -18.23
N THR A 147 -10.13 -12.22 -18.73
CA THR A 147 -9.99 -10.96 -18.02
C THR A 147 -11.40 -10.38 -17.90
N TRP A 148 -11.59 -9.33 -17.10
CA TRP A 148 -12.96 -8.76 -16.92
C TRP A 148 -13.53 -8.02 -18.17
N ALA A 149 -12.67 -7.79 -19.17
CA ALA A 149 -13.13 -7.35 -20.50
C ALA A 149 -13.91 -8.43 -21.31
N ASP A 150 -13.55 -9.70 -21.17
CA ASP A 150 -14.37 -10.77 -21.75
C ASP A 150 -15.73 -10.84 -21.04
N PHE A 151 -15.72 -10.61 -19.73
CA PHE A 151 -16.95 -10.63 -18.93
C PHE A 151 -17.87 -9.57 -19.45
N TYR A 152 -17.32 -8.38 -19.68
CA TYR A 152 -18.15 -7.26 -20.11
C TYR A 152 -18.70 -7.50 -21.49
N TRP A 153 -17.89 -8.06 -22.39
CA TRP A 153 -18.37 -8.45 -23.74
C TRP A 153 -19.62 -9.32 -23.70
N GLU A 154 -19.60 -10.36 -22.87
CA GLU A 154 -20.76 -11.26 -22.81
C GLU A 154 -21.95 -10.61 -22.11
N ILE A 155 -21.66 -9.69 -21.19
CA ILE A 155 -22.75 -8.95 -20.53
C ILE A 155 -23.36 -7.98 -21.50
N CYS A 156 -22.52 -7.29 -22.26
CA CYS A 156 -23.00 -6.29 -23.19
C CYS A 156 -23.69 -7.03 -24.32
N SER A 157 -22.97 -7.92 -25.00
CA SER A 157 -23.56 -8.70 -26.09
C SER A 157 -24.81 -9.44 -25.64
N THR A 158 -24.90 -9.88 -24.39
CA THR A 158 -26.14 -10.52 -23.93
C THR A 158 -27.33 -9.59 -24.07
N THR A 159 -27.19 -8.36 -23.57
CA THR A 159 -28.27 -7.38 -23.62
C THR A 159 -28.59 -6.90 -25.04
N LEU A 160 -27.59 -6.62 -25.87
CA LEU A 160 -27.90 -6.23 -27.26
C LEU A 160 -28.51 -7.34 -28.13
N LEU A 161 -28.28 -8.60 -27.75
CA LEU A 161 -28.82 -9.75 -28.48
C LEU A 161 -30.31 -9.91 -28.33
N VAL A 162 -30.86 -9.33 -27.26
CA VAL A 162 -32.32 -9.28 -27.09
C VAL A 162 -32.98 -8.45 -28.22
N PHE A 163 -32.33 -7.35 -28.59
CA PHE A 163 -32.83 -6.39 -29.58
C PHE A 163 -32.50 -6.75 -31.03
N LYS A 164 -31.45 -7.55 -31.24
CA LYS A 164 -31.11 -8.02 -32.58
C LYS A 164 -30.42 -9.39 -32.54
N PRO A 165 -31.22 -10.48 -32.61
CA PRO A 165 -30.70 -11.82 -32.39
C PRO A 165 -29.59 -12.18 -33.37
N ASP A 166 -29.70 -11.68 -34.60
CA ASP A 166 -28.78 -12.01 -35.70
C ASP A 166 -27.50 -11.17 -35.64
N LEU A 167 -27.48 -10.31 -34.64
CA LEU A 167 -26.39 -9.40 -34.38
C LEU A 167 -25.03 -10.04 -34.66
N LEU A 168 -24.82 -11.24 -34.11
CA LEU A 168 -23.52 -11.91 -34.21
C LEU A 168 -23.55 -13.10 -35.14
N ASP A 169 -24.46 -13.09 -36.10
CA ASP A 169 -24.65 -14.25 -36.97
C ASP A 169 -23.56 -14.40 -38.00
N ASN A 170 -22.72 -13.38 -38.11
CA ASN A 170 -21.55 -13.45 -38.98
C ASN A 170 -20.21 -13.33 -38.25
N HIS A 171 -20.23 -13.42 -36.91
CA HIS A 171 -19.00 -13.36 -36.10
C HIS A 171 -18.88 -14.63 -35.25
N PRO A 172 -18.80 -15.81 -35.90
CA PRO A 172 -18.77 -17.05 -35.12
C PRO A 172 -17.94 -16.89 -33.86
N ARG A 173 -16.73 -16.36 -34.07
CA ARG A 173 -15.74 -16.16 -33.03
C ARG A 173 -16.22 -15.34 -31.85
N LEU A 174 -17.12 -14.39 -32.08
CA LEU A 174 -17.66 -13.59 -30.97
C LEU A 174 -18.72 -14.35 -30.16
N VAL A 175 -19.38 -15.31 -30.80
CA VAL A 175 -20.33 -16.17 -30.09
C VAL A 175 -19.50 -17.17 -29.27
N THR A 176 -18.41 -17.66 -29.89
CA THR A 176 -17.35 -18.45 -29.24
C THR A 176 -16.93 -17.85 -27.90
N LEU A 177 -16.63 -16.55 -27.89
CA LEU A 177 -16.15 -15.90 -26.69
C LEU A 177 -17.22 -15.85 -25.58
N ARG A 178 -18.48 -15.63 -25.95
CA ARG A 178 -19.59 -15.62 -24.98
C ARG A 178 -19.71 -16.94 -24.25
N LYS A 179 -19.69 -18.02 -25.03
CA LYS A 179 -19.82 -19.36 -24.52
C LYS A 179 -18.67 -19.69 -23.57
N LYS A 180 -17.44 -19.37 -23.96
CA LYS A 180 -16.29 -19.54 -23.06
C LYS A 180 -16.44 -18.74 -21.75
N VAL A 181 -17.11 -17.59 -21.81
CA VAL A 181 -17.39 -16.78 -20.61
C VAL A 181 -18.46 -17.47 -19.73
N GLN A 182 -19.56 -17.86 -20.38
CA GLN A 182 -20.68 -18.53 -19.74
C GLN A 182 -20.35 -19.89 -19.09
N ALA A 183 -19.37 -20.60 -19.62
CA ALA A 183 -19.12 -21.94 -19.15
C ALA A 183 -18.14 -21.97 -17.97
N ILE A 184 -17.43 -20.86 -17.75
CA ILE A 184 -16.72 -20.64 -16.50
C ILE A 184 -17.66 -20.99 -15.34
N PRO A 185 -17.24 -21.95 -14.48
CA PRO A 185 -18.13 -22.52 -13.46
C PRO A 185 -18.85 -21.48 -12.59
N ALA A 186 -18.09 -20.53 -12.06
CA ALA A 186 -18.64 -19.57 -11.11
C ALA A 186 -19.65 -18.67 -11.81
N VAL A 187 -19.33 -18.29 -13.05
CA VAL A 187 -20.21 -17.48 -13.92
C VAL A 187 -21.43 -18.30 -14.34
N ALA A 188 -21.17 -19.54 -14.77
CA ALA A 188 -22.26 -20.46 -15.12
C ALA A 188 -23.14 -20.75 -13.92
N ASN A 189 -22.55 -20.84 -12.72
CA ASN A 189 -23.40 -20.92 -11.54
C ASN A 189 -24.25 -19.68 -11.35
N TRP A 190 -23.60 -18.52 -11.35
CA TRP A 190 -24.31 -17.27 -11.22
C TRP A 190 -25.39 -17.16 -12.28
N ILE A 191 -25.04 -17.38 -13.55
CA ILE A 191 -26.03 -17.27 -14.63
C ILE A 191 -27.35 -17.97 -14.26
N LYS A 192 -27.28 -19.23 -13.84
CA LYS A 192 -28.51 -19.99 -13.59
C LYS A 192 -29.20 -19.49 -12.32
N ARG A 193 -28.41 -19.08 -11.34
CA ARG A 193 -28.95 -18.53 -10.08
C ARG A 193 -29.65 -17.20 -10.22
N ARG A 194 -28.96 -16.23 -10.85
CA ARG A 194 -29.41 -14.84 -10.95
C ARG A 194 -30.88 -14.69 -11.31
N PRO A 195 -31.56 -13.66 -10.78
CA PRO A 195 -33.00 -13.57 -11.11
C PRO A 195 -33.29 -13.18 -12.58
N GLN A 196 -34.50 -13.50 -13.01
CA GLN A 196 -34.89 -13.36 -14.40
C GLN A 196 -35.44 -11.96 -14.65
N THR A 197 -34.72 -11.18 -15.45
CA THR A 197 -35.10 -9.82 -15.83
C THR A 197 -34.80 -9.62 -17.31
N LYS A 198 -35.46 -8.67 -17.95
CA LYS A 198 -35.27 -8.53 -19.38
C LYS A 198 -33.89 -7.98 -19.71
N LEU A 199 -33.41 -7.06 -18.87
CA LEU A 199 -32.19 -6.34 -19.20
C LEU A 199 -31.18 -6.34 -18.06
N PRO B 2 12.42 3.30 -24.18
CA PRO B 2 10.95 3.31 -24.06
C PRO B 2 10.35 4.49 -24.85
N ASN B 3 9.64 4.19 -25.93
CA ASN B 3 9.41 5.17 -27.00
C ASN B 3 7.96 5.62 -27.22
N TYR B 4 7.73 6.94 -27.15
CA TYR B 4 6.35 7.51 -27.12
C TYR B 4 5.93 8.43 -28.27
N LYS B 5 5.00 7.91 -29.10
CA LYS B 5 4.28 8.65 -30.14
C LYS B 5 2.76 8.70 -29.87
N LEU B 6 2.32 9.88 -29.48
CA LEU B 6 0.94 10.14 -29.17
C LEU B 6 0.22 10.61 -30.43
N THR B 7 -0.83 9.89 -30.84
CA THR B 7 -1.62 10.37 -31.96
C THR B 7 -3.04 10.88 -31.63
N TYR B 8 -3.33 12.09 -32.11
CA TYR B 8 -4.63 12.76 -31.93
C TYR B 8 -4.71 13.95 -32.88
N PHE B 9 -5.86 14.64 -32.89
CA PHE B 9 -6.00 15.88 -33.65
C PHE B 9 -5.29 17.02 -32.93
N ASN B 10 -5.14 18.13 -33.64
CA ASN B 10 -4.58 19.37 -33.13
C ASN B 10 -5.50 20.07 -32.13
N MET B 11 -5.68 19.45 -30.96
CA MET B 11 -6.63 19.88 -29.93
C MET B 11 -6.20 19.28 -28.62
N ARG B 12 -6.50 19.95 -27.52
CA ARG B 12 -6.35 19.33 -26.21
C ARG B 12 -7.19 18.05 -26.15
N GLY B 13 -8.53 18.21 -26.26
CA GLY B 13 -9.48 17.12 -26.34
C GLY B 13 -9.21 16.02 -25.36
N ARG B 14 -9.31 14.79 -25.85
CA ARG B 14 -9.12 13.64 -25.00
C ARG B 14 -7.64 13.26 -24.94
N ALA B 15 -6.81 14.00 -25.62
CA ALA B 15 -5.38 13.74 -25.48
C ALA B 15 -4.76 14.53 -24.33
N GLU B 16 -5.37 15.65 -23.94
CA GLU B 16 -4.76 16.55 -22.97
C GLU B 16 -4.50 15.90 -21.62
N ILE B 17 -5.34 14.94 -21.24
CA ILE B 17 -5.05 14.13 -20.05
C ILE B 17 -3.75 13.32 -20.18
N ILE B 18 -3.42 12.91 -21.40
CA ILE B 18 -2.13 12.24 -21.60
C ILE B 18 -0.97 13.26 -21.60
N ARG B 19 -1.18 14.43 -22.19
CA ARG B 19 -0.12 15.43 -22.31
C ARG B 19 0.20 16.23 -21.03
N TYR B 20 -0.68 16.12 -20.03
CA TYR B 20 -0.51 16.75 -18.73
C TYR B 20 0.31 15.79 -17.92
N ILE B 21 -0.05 14.51 -18.05
CA ILE B 21 0.65 13.42 -17.39
C ILE B 21 2.12 13.45 -17.83
N PHE B 22 2.39 13.22 -19.11
CA PHE B 22 3.77 13.26 -19.61
C PHE B 22 4.60 14.42 -18.99
N ALA B 23 4.28 15.65 -19.41
CA ALA B 23 4.95 16.88 -18.94
C ALA B 23 5.02 17.05 -17.40
N TYR B 24 4.04 16.50 -16.69
CA TYR B 24 4.18 16.41 -15.25
C TYR B 24 5.30 15.44 -14.95
N LEU B 25 5.08 14.15 -15.24
CA LEU B 25 6.03 13.07 -14.96
C LEU B 25 7.25 13.08 -15.87
N ASP B 26 7.69 14.28 -16.23
CA ASP B 26 8.91 14.47 -17.02
C ASP B 26 9.36 13.26 -17.87
N ILE B 27 8.58 12.96 -18.92
CA ILE B 27 8.91 11.94 -19.93
C ILE B 27 8.82 12.54 -21.33
N GLN B 28 9.91 12.39 -22.11
CA GLN B 28 9.93 12.76 -23.53
C GLN B 28 8.89 11.97 -24.36
N TYR B 29 8.00 12.70 -25.02
CA TYR B 29 7.14 12.10 -26.04
C TYR B 29 7.16 13.00 -27.27
N GLU B 30 6.81 12.41 -28.41
CA GLU B 30 6.50 13.17 -29.60
C GLU B 30 4.99 13.36 -29.66
N ASP B 31 4.58 14.59 -29.94
CA ASP B 31 3.18 14.98 -29.88
C ASP B 31 2.62 15.05 -31.28
N HIS B 32 2.19 13.90 -31.80
CA HIS B 32 1.71 13.79 -33.15
C HIS B 32 0.24 14.25 -33.33
N ARG B 33 0.10 15.41 -33.97
CA ARG B 33 -1.14 16.13 -34.14
C ARG B 33 -1.50 16.06 -35.62
N ILE B 34 -2.63 15.44 -35.94
CA ILE B 34 -2.98 15.31 -37.38
C ILE B 34 -4.01 16.30 -37.89
N GLU B 35 -4.00 16.47 -39.21
CA GLU B 35 -4.98 17.29 -39.88
C GLU B 35 -6.28 16.51 -39.99
N GLN B 36 -7.41 17.21 -39.95
CA GLN B 36 -8.72 16.56 -40.15
C GLN B 36 -8.77 15.80 -41.48
N ALA B 37 -7.89 16.15 -42.40
CA ALA B 37 -7.89 15.46 -43.69
C ALA B 37 -6.88 14.32 -43.86
N ASP B 38 -5.90 14.21 -42.97
CA ASP B 38 -5.05 13.01 -42.91
C ASP B 38 -5.78 11.82 -42.25
N TRP B 39 -6.87 12.12 -41.54
CA TRP B 39 -7.50 11.19 -40.57
C TRP B 39 -7.98 9.85 -41.14
N PRO B 40 -8.85 9.84 -42.18
CA PRO B 40 -9.36 8.55 -42.70
C PRO B 40 -8.24 7.51 -43.01
N GLU B 41 -7.19 7.99 -43.70
CA GLU B 41 -5.99 7.22 -44.01
C GLU B 41 -5.41 6.51 -42.76
N ILE B 42 -5.43 7.20 -41.62
CA ILE B 42 -5.07 6.54 -40.34
C ILE B 42 -6.27 5.80 -39.72
N LYS B 43 -7.45 6.41 -39.72
CA LYS B 43 -8.64 5.74 -39.12
C LYS B 43 -8.82 4.29 -39.57
N SER B 44 -8.47 4.01 -40.82
CA SER B 44 -8.65 2.69 -41.45
C SER B 44 -7.75 1.61 -40.89
N THR B 45 -6.56 2.03 -40.47
CA THR B 45 -5.46 1.17 -40.09
C THR B 45 -5.43 0.84 -38.61
N LEU B 46 -6.27 1.50 -37.83
CA LEU B 46 -6.30 1.30 -36.37
C LEU B 46 -7.38 0.32 -35.96
N PRO B 47 -7.09 -0.55 -34.96
CA PRO B 47 -8.06 -1.58 -34.65
C PRO B 47 -9.44 -1.03 -34.34
N PHE B 48 -9.54 0.12 -33.64
CA PHE B 48 -10.85 0.64 -33.25
C PHE B 48 -11.28 1.96 -33.85
N GLY B 49 -10.49 2.46 -34.79
CA GLY B 49 -10.92 3.57 -35.64
C GLY B 49 -11.00 4.90 -34.91
N LYS B 50 -10.54 4.90 -33.66
CA LYS B 50 -10.65 6.08 -32.83
C LYS B 50 -9.37 6.48 -32.17
N ILE B 51 -9.19 7.81 -32.03
CA ILE B 51 -8.09 8.40 -31.27
C ILE B 51 -8.54 9.23 -30.04
N PRO B 52 -7.62 9.49 -29.06
CA PRO B 52 -6.15 9.28 -29.07
C PRO B 52 -5.70 7.84 -29.16
N ILE B 53 -4.44 7.63 -29.53
CA ILE B 53 -3.77 6.33 -29.42
C ILE B 53 -2.32 6.55 -29.02
N LEU B 54 -1.76 5.63 -28.24
CA LEU B 54 -0.34 5.72 -27.89
C LEU B 54 0.47 4.51 -28.36
N GLU B 55 1.42 4.80 -29.25
CA GLU B 55 2.41 3.81 -29.71
C GLU B 55 3.57 3.71 -28.72
N VAL B 56 3.77 2.51 -28.18
CA VAL B 56 4.76 2.29 -27.13
C VAL B 56 5.71 1.16 -27.56
N ASP B 57 6.79 1.55 -28.25
CA ASP B 57 7.64 0.67 -29.08
C ASP B 57 6.79 -0.27 -29.95
N GLY B 58 6.33 0.20 -31.10
CA GLY B 58 5.58 -0.67 -32.03
C GLY B 58 4.43 -1.46 -31.40
N LEU B 59 3.83 -0.85 -30.39
CA LEU B 59 2.70 -1.43 -29.71
C LEU B 59 1.60 -0.38 -29.68
N THR B 60 0.37 -0.79 -29.96
CA THR B 60 -0.66 0.24 -30.08
C THR B 60 -1.78 0.22 -29.03
N LEU B 61 -1.82 1.30 -28.27
CA LEU B 61 -2.77 1.52 -27.17
C LEU B 61 -3.90 2.47 -27.59
N HIS B 62 -5.09 2.29 -27.03
CA HIS B 62 -6.24 3.16 -27.35
C HIS B 62 -7.14 3.40 -26.15
N GLN B 63 -7.93 4.49 -26.20
CA GLN B 63 -8.82 4.89 -25.09
C GLN B 63 -8.10 5.71 -24.05
N SER B 64 -8.22 7.02 -24.17
CA SER B 64 -7.46 7.95 -23.36
C SER B 64 -7.31 7.62 -21.87
N LEU B 65 -8.35 7.04 -21.24
CA LEU B 65 -8.36 6.91 -19.79
C LEU B 65 -7.66 5.65 -19.35
N ALA B 66 -7.89 4.57 -20.10
CA ALA B 66 -7.09 3.33 -20.07
C ALA B 66 -5.59 3.58 -20.20
N ILE B 67 -5.25 4.48 -21.13
CA ILE B 67 -3.89 4.98 -21.29
C ILE B 67 -3.54 5.82 -20.05
N ALA B 68 -4.21 6.94 -19.84
CA ALA B 68 -4.02 7.74 -18.63
C ALA B 68 -3.84 6.88 -17.37
N ARG B 69 -4.59 5.80 -17.27
CA ARG B 69 -4.52 4.96 -16.10
C ARG B 69 -3.25 4.14 -16.14
N TYR B 70 -2.80 3.83 -17.34
CA TYR B 70 -1.54 3.08 -17.48
C TYR B 70 -0.28 3.93 -17.13
N LEU B 71 -0.23 5.16 -17.60
CA LEU B 71 0.90 6.04 -17.30
C LEU B 71 0.97 6.48 -15.84
N THR B 72 -0.02 6.10 -15.05
CA THR B 72 -0.07 6.47 -13.64
C THR B 72 -0.17 5.28 -12.66
N GLU B 73 -0.15 4.05 -13.17
CA GLU B 73 -0.07 2.88 -12.29
C GLU B 73 1.29 2.88 -11.54
N ASN B 74 1.23 2.95 -10.20
CA ASN B 74 2.42 3.08 -9.32
C ASN B 74 3.19 4.38 -9.57
N THR B 75 2.49 5.51 -9.54
CA THR B 75 3.09 6.85 -9.57
C THR B 75 2.25 7.76 -8.69
N ASP B 76 2.77 8.94 -8.34
CA ASP B 76 2.12 9.73 -7.28
C ASP B 76 0.85 10.47 -7.69
N LEU B 77 0.48 10.38 -8.97
CA LEU B 77 -0.85 10.83 -9.46
C LEU B 77 -1.89 9.72 -9.29
N ALA B 78 -1.41 8.49 -9.14
CA ALA B 78 -2.29 7.42 -8.70
C ALA B 78 -2.76 7.66 -7.27
N GLY B 79 -3.88 7.04 -6.93
CA GLY B 79 -4.38 6.99 -5.56
C GLY B 79 -3.46 6.19 -4.66
N ASN B 80 -3.23 6.74 -3.47
CA ASN B 80 -2.34 6.14 -2.47
C ASN B 80 -2.85 4.81 -1.94
N THR B 81 -3.98 4.34 -2.47
CA THR B 81 -4.61 3.08 -2.04
C THR B 81 -5.66 2.60 -3.04
N GLU B 82 -5.94 1.30 -3.02
CA GLU B 82 -6.96 0.69 -3.88
C GLU B 82 -8.31 1.41 -3.83
N MET B 83 -8.68 1.96 -2.68
CA MET B 83 -9.93 2.73 -2.60
C MET B 83 -9.79 4.08 -3.32
N GLU B 84 -8.69 4.77 -3.10
CA GLU B 84 -8.44 6.03 -3.80
C GLU B 84 -8.21 5.88 -5.31
N GLN B 85 -7.82 4.69 -5.77
CA GLN B 85 -7.71 4.44 -7.22
C GLN B 85 -9.12 4.41 -7.80
N CYS B 86 -10.06 3.90 -6.99
CA CYS B 86 -11.46 3.77 -7.34
C CYS B 86 -12.08 5.13 -7.50
N HIS B 87 -12.00 5.94 -6.43
CA HIS B 87 -12.56 7.29 -6.41
C HIS B 87 -12.04 8.14 -7.54
N VAL B 88 -10.76 7.97 -7.85
CA VAL B 88 -10.09 8.61 -8.99
C VAL B 88 -10.77 8.25 -10.31
N ASP B 89 -11.04 6.94 -10.46
CA ASP B 89 -11.58 6.36 -11.66
C ASP B 89 -13.05 6.77 -11.77
N ALA B 90 -13.78 6.65 -10.65
CA ALA B 90 -15.10 7.19 -10.53
C ALA B 90 -15.22 8.70 -10.83
N ILE B 91 -14.28 9.51 -10.32
CA ILE B 91 -14.33 10.98 -10.51
C ILE B 91 -14.18 11.28 -12.00
N VAL B 92 -13.07 10.79 -12.54
CA VAL B 92 -12.77 10.75 -13.97
C VAL B 92 -13.96 10.29 -14.84
N ASP B 93 -14.52 9.10 -14.56
CA ASP B 93 -15.66 8.63 -15.33
C ASP B 93 -16.92 9.48 -15.20
N THR B 94 -17.15 10.09 -14.04
CA THR B 94 -18.29 10.99 -13.89
C THR B 94 -18.10 12.23 -14.79
N LEU B 95 -16.86 12.72 -14.90
CA LEU B 95 -16.56 13.84 -15.79
C LEU B 95 -16.57 13.38 -17.24
N ASP B 96 -15.96 12.20 -17.50
CA ASP B 96 -15.96 11.71 -18.88
C ASP B 96 -17.37 11.47 -19.30
N ASP B 97 -18.17 10.92 -18.38
CA ASP B 97 -19.60 10.67 -18.66
C ASP B 97 -20.32 11.91 -19.17
N PHE B 98 -20.05 13.07 -18.60
CA PHE B 98 -20.63 14.35 -19.06
C PHE B 98 -19.98 14.87 -20.35
N MET B 99 -18.65 14.99 -20.33
CA MET B 99 -17.90 15.37 -21.50
C MET B 99 -18.24 14.50 -22.69
N SER B 100 -18.29 13.19 -22.46
CA SER B 100 -18.73 12.23 -23.47
C SER B 100 -20.14 12.47 -24.04
N CYS B 101 -21.01 13.17 -23.29
CA CYS B 101 -22.35 13.59 -23.78
C CYS B 101 -22.40 14.58 -24.94
N PHE B 102 -21.32 15.33 -25.17
CA PHE B 102 -21.40 16.39 -26.19
C PHE B 102 -21.27 15.88 -27.60
N PRO B 103 -22.11 16.40 -28.51
CA PRO B 103 -22.09 15.99 -29.91
C PRO B 103 -20.96 16.68 -30.67
N TRP B 104 -19.73 16.42 -30.22
CA TRP B 104 -18.52 17.09 -30.70
C TRP B 104 -18.38 17.10 -32.21
N ALA B 105 -18.80 16.01 -32.86
CA ALA B 105 -18.52 15.72 -34.26
C ALA B 105 -19.70 16.02 -35.17
N GLU B 106 -20.79 16.52 -34.59
CA GLU B 106 -21.95 16.95 -35.36
C GLU B 106 -21.54 18.04 -36.38
N LYS B 107 -21.84 17.80 -37.65
CA LYS B 107 -21.47 18.74 -38.73
C LYS B 107 -22.61 19.74 -39.01
N LYS B 108 -23.81 19.41 -38.53
CA LYS B 108 -24.95 20.31 -38.62
C LYS B 108 -24.93 21.31 -37.45
N GLN B 109 -24.45 22.53 -37.73
CA GLN B 109 -24.09 23.54 -36.73
C GLN B 109 -25.17 23.96 -35.73
N ASP B 110 -26.33 24.36 -36.24
CA ASP B 110 -27.49 24.74 -35.40
C ASP B 110 -27.96 23.58 -34.53
N VAL B 111 -28.03 22.40 -35.14
CA VAL B 111 -28.43 21.20 -34.43
C VAL B 111 -27.42 20.94 -33.32
N LYS B 112 -26.14 21.21 -33.61
CA LYS B 112 -25.05 21.01 -32.66
C LYS B 112 -25.14 22.01 -31.52
N GLU B 113 -25.16 23.32 -31.86
CA GLU B 113 -25.32 24.44 -30.91
C GLU B 113 -26.49 24.27 -29.94
N GLN B 114 -27.60 23.79 -30.47
CA GLN B 114 -28.78 23.51 -29.67
C GLN B 114 -28.47 22.46 -28.59
N MET B 115 -27.66 21.48 -28.95
CA MET B 115 -27.40 20.36 -28.06
C MET B 115 -26.36 20.78 -27.05
N PHE B 116 -25.39 21.58 -27.48
CA PHE B 116 -24.35 22.04 -26.59
C PHE B 116 -25.00 22.94 -25.55
N ASN B 117 -25.85 23.86 -26.00
CA ASN B 117 -26.50 24.81 -25.08
C ASN B 117 -27.36 24.14 -24.00
N GLU B 118 -28.13 23.13 -24.40
CA GLU B 118 -28.93 22.34 -23.44
C GLU B 118 -28.07 21.88 -22.28
N LEU B 119 -27.15 20.97 -22.59
CA LEU B 119 -26.21 20.37 -21.64
C LEU B 119 -25.43 21.36 -20.75
N LEU B 120 -25.08 22.50 -21.32
CA LEU B 120 -24.30 23.51 -20.62
C LEU B 120 -25.15 24.33 -19.67
N THR B 121 -26.47 24.27 -19.79
CA THR B 121 -27.35 24.99 -18.88
C THR B 121 -28.13 24.02 -18.03
N TYR B 122 -28.51 22.89 -18.63
CA TYR B 122 -29.36 21.92 -17.96
C TYR B 122 -28.55 20.94 -17.12
N ASN B 123 -27.51 20.34 -17.70
CA ASN B 123 -26.73 19.35 -16.97
C ASN B 123 -25.49 19.88 -16.28
N ALA B 124 -24.84 20.87 -16.86
CA ALA B 124 -23.59 21.36 -16.30
C ALA B 124 -23.69 21.74 -14.81
N PRO B 125 -24.50 22.77 -14.46
CA PRO B 125 -24.39 23.30 -13.09
C PRO B 125 -24.58 22.21 -12.04
N HIS B 126 -25.45 21.25 -12.35
CA HIS B 126 -25.65 20.08 -11.51
C HIS B 126 -24.39 19.30 -11.35
N LEU B 127 -23.68 19.04 -12.45
CA LEU B 127 -22.38 18.35 -12.29
C LEU B 127 -21.45 19.19 -11.38
N MET B 128 -21.31 20.48 -11.64
CA MET B 128 -20.49 21.38 -10.80
C MET B 128 -20.91 21.31 -9.36
N GLN B 129 -22.22 21.26 -9.15
CA GLN B 129 -22.73 21.17 -7.81
C GLN B 129 -22.16 19.91 -7.18
N ASP B 130 -22.50 18.76 -7.76
CA ASP B 130 -22.16 17.49 -7.16
C ASP B 130 -20.67 17.44 -6.81
N LEU B 131 -19.87 18.19 -7.59
CA LEU B 131 -18.42 18.18 -7.50
C LEU B 131 -17.88 18.95 -6.29
N ASP B 132 -18.11 20.26 -6.27
CA ASP B 132 -18.02 21.12 -5.07
C ASP B 132 -18.36 20.42 -3.74
N THR B 133 -19.50 19.74 -3.66
CA THR B 133 -19.90 19.03 -2.44
C THR B 133 -18.99 17.83 -2.19
N TYR B 134 -18.76 17.03 -3.21
CA TYR B 134 -17.84 15.90 -3.09
C TYR B 134 -16.45 16.41 -2.63
N LEU B 135 -15.99 17.49 -3.23
CA LEU B 135 -14.80 18.18 -2.75
C LEU B 135 -15.01 18.54 -1.27
N GLY B 136 -16.18 19.09 -0.96
CA GLY B 136 -16.46 19.66 0.34
C GLY B 136 -15.38 20.69 0.58
N GLY B 137 -14.49 20.38 1.51
CA GLY B 137 -13.43 21.31 1.90
C GLY B 137 -12.01 20.76 1.82
N ARG B 138 -11.88 19.57 1.25
CA ARG B 138 -10.58 18.91 1.13
C ARG B 138 -9.71 19.67 0.11
N GLU B 139 -8.39 19.53 0.15
CA GLU B 139 -7.55 20.31 -0.77
C GLU B 139 -7.49 19.77 -2.20
N TRP B 140 -7.56 18.44 -2.30
CA TRP B 140 -7.61 17.74 -3.59
C TRP B 140 -8.90 16.91 -3.67
N LEU B 141 -9.18 16.36 -4.86
CA LEU B 141 -10.41 15.59 -5.07
C LEU B 141 -10.33 14.22 -4.42
N ILE B 142 -9.13 13.66 -4.45
CA ILE B 142 -8.88 12.35 -3.89
C ILE B 142 -7.72 12.49 -2.92
N GLY B 143 -7.96 12.06 -1.69
CA GLY B 143 -6.95 11.96 -0.67
C GLY B 143 -6.22 13.27 -0.43
N ASN B 144 -4.94 13.13 -0.08
CA ASN B 144 -4.13 14.24 0.48
C ASN B 144 -3.18 14.96 -0.49
N SER B 145 -3.00 14.41 -1.68
CA SER B 145 -2.16 15.01 -2.72
C SER B 145 -2.86 15.07 -4.09
N VAL B 146 -2.19 15.68 -5.08
CA VAL B 146 -2.76 15.71 -6.43
C VAL B 146 -2.82 14.30 -7.06
N THR B 147 -3.78 14.12 -7.97
CA THR B 147 -3.91 12.89 -8.76
C THR B 147 -4.33 13.28 -10.14
N TRP B 148 -4.30 12.34 -11.07
CA TRP B 148 -4.65 12.71 -12.43
C TRP B 148 -6.13 13.06 -12.56
N ALA B 149 -6.98 12.52 -11.69
CA ALA B 149 -8.37 12.97 -11.65
C ALA B 149 -8.40 14.50 -11.46
N ASP B 150 -7.52 15.02 -10.59
CA ASP B 150 -7.37 16.49 -10.42
C ASP B 150 -6.98 17.17 -11.75
N PHE B 151 -6.29 16.42 -12.60
CA PHE B 151 -5.94 16.91 -13.91
C PHE B 151 -7.14 16.83 -14.86
N TYR B 152 -7.89 15.73 -14.80
CA TYR B 152 -9.01 15.59 -15.73
C TYR B 152 -9.95 16.72 -15.44
N TRP B 153 -10.35 16.82 -14.18
CA TRP B 153 -11.14 17.97 -13.78
C TRP B 153 -10.65 19.27 -14.41
N GLU B 154 -9.39 19.64 -14.20
CA GLU B 154 -8.99 20.98 -14.65
C GLU B 154 -9.04 21.05 -16.16
N ILE B 155 -8.79 19.93 -16.80
CA ILE B 155 -8.85 19.95 -18.23
C ILE B 155 -10.30 20.03 -18.70
N CYS B 156 -11.17 19.21 -18.12
CA CYS B 156 -12.56 19.26 -18.56
C CYS B 156 -13.06 20.64 -18.30
N SER B 157 -12.81 21.17 -17.11
CA SER B 157 -13.25 22.49 -16.75
C SER B 157 -12.78 23.52 -17.76
N THR B 158 -11.52 23.43 -18.19
CA THR B 158 -10.99 24.34 -19.22
C THR B 158 -11.94 24.44 -20.42
N THR B 159 -12.19 23.33 -21.11
CA THR B 159 -13.07 23.36 -22.31
C THR B 159 -14.51 23.82 -22.04
N LEU B 160 -15.10 23.39 -20.91
CA LEU B 160 -16.45 23.86 -20.58
C LEU B 160 -16.47 25.37 -20.46
N LEU B 161 -15.40 25.94 -19.90
CA LEU B 161 -15.29 27.40 -19.69
C LEU B 161 -15.21 28.19 -21.00
N VAL B 162 -14.68 27.56 -22.03
CA VAL B 162 -14.71 28.13 -23.38
C VAL B 162 -16.17 28.43 -23.77
N PHE B 163 -17.10 27.51 -23.51
CA PHE B 163 -18.50 27.65 -24.01
C PHE B 163 -19.47 28.36 -23.09
N LYS B 164 -19.13 28.42 -21.79
CA LYS B 164 -20.01 29.03 -20.77
C LYS B 164 -19.18 29.54 -19.58
N PRO B 165 -18.76 30.82 -19.65
CA PRO B 165 -17.79 31.41 -18.72
C PRO B 165 -18.24 31.59 -17.25
N ASP B 166 -19.56 31.69 -17.03
CA ASP B 166 -20.08 31.99 -15.69
C ASP B 166 -20.31 30.74 -14.87
N LEU B 167 -19.71 29.64 -15.34
CA LEU B 167 -19.91 28.29 -14.85
C LEU B 167 -19.48 28.02 -13.40
N LEU B 168 -18.34 28.55 -13.02
CA LEU B 168 -17.77 28.28 -11.73
C LEU B 168 -17.93 29.49 -10.83
N ASP B 169 -18.81 30.41 -11.23
CA ASP B 169 -19.06 31.61 -10.47
C ASP B 169 -19.47 31.27 -9.03
N ASN B 170 -20.35 30.27 -8.88
CA ASN B 170 -20.86 29.88 -7.58
C ASN B 170 -20.06 28.74 -6.95
N HIS B 171 -18.83 28.57 -7.42
CA HIS B 171 -17.99 27.47 -6.98
C HIS B 171 -16.54 27.94 -6.95
N PRO B 172 -16.23 28.84 -5.98
CA PRO B 172 -14.84 29.32 -5.86
C PRO B 172 -13.96 28.19 -5.47
N ARG B 173 -14.50 27.25 -4.70
CA ARG B 173 -13.75 26.07 -4.31
C ARG B 173 -13.43 25.19 -5.51
N LEU B 174 -14.13 25.40 -6.62
CA LEU B 174 -13.77 24.75 -7.89
C LEU B 174 -12.76 25.56 -8.71
N VAL B 175 -12.93 26.89 -8.74
CA VAL B 175 -11.95 27.78 -9.36
C VAL B 175 -10.61 27.69 -8.62
N THR B 176 -10.70 27.44 -7.31
CA THR B 176 -9.52 27.32 -6.44
C THR B 176 -8.73 26.07 -6.84
N LEU B 177 -9.47 24.98 -6.97
CA LEU B 177 -8.90 23.69 -7.35
C LEU B 177 -8.34 23.70 -8.78
N ARG B 178 -9.13 24.23 -9.72
CA ARG B 178 -8.67 24.48 -11.09
C ARG B 178 -7.31 25.09 -11.06
N LYS B 179 -7.24 26.25 -10.38
CA LYS B 179 -6.05 27.13 -10.30
C LYS B 179 -4.86 26.55 -9.54
N LYS B 180 -5.13 25.69 -8.57
CA LYS B 180 -4.11 25.05 -7.78
C LYS B 180 -3.47 23.89 -8.55
N VAL B 181 -4.24 23.25 -9.42
CA VAL B 181 -3.71 22.26 -10.37
C VAL B 181 -2.81 22.93 -11.44
N GLN B 182 -3.24 24.10 -11.91
CA GLN B 182 -2.55 24.81 -12.99
C GLN B 182 -1.23 25.44 -12.57
N ALA B 183 -1.05 25.68 -11.28
CA ALA B 183 0.13 26.35 -10.77
C ALA B 183 1.27 25.38 -10.40
N ILE B 184 1.09 24.10 -10.70
CA ILE B 184 2.13 23.11 -10.42
C ILE B 184 3.27 23.32 -11.40
N PRO B 185 4.54 23.32 -10.93
CA PRO B 185 5.68 23.49 -11.84
C PRO B 185 5.55 22.84 -13.24
N ALA B 186 5.49 21.51 -13.30
CA ALA B 186 5.52 20.80 -14.59
C ALA B 186 4.21 20.93 -15.39
N VAL B 187 3.12 21.16 -14.66
CA VAL B 187 1.80 21.41 -15.25
C VAL B 187 1.78 22.85 -15.76
N ALA B 188 2.09 23.79 -14.88
CA ALA B 188 2.12 25.22 -15.18
C ALA B 188 2.88 25.50 -16.47
N ASN B 189 4.04 24.85 -16.63
CA ASN B 189 4.91 25.10 -17.77
C ASN B 189 4.35 24.58 -19.08
N TRP B 190 3.78 23.39 -19.05
CA TRP B 190 3.11 22.87 -20.24
C TRP B 190 1.97 23.75 -20.72
N ILE B 191 1.15 24.23 -19.77
CA ILE B 191 0.06 25.21 -20.05
C ILE B 191 0.57 26.46 -20.77
N LYS B 192 1.77 26.89 -20.41
CA LYS B 192 2.41 28.04 -21.05
C LYS B 192 2.85 27.69 -22.50
N ARG B 193 3.42 26.49 -22.73
CA ARG B 193 4.01 26.18 -24.04
C ARG B 193 3.09 25.55 -25.10
N ARG B 194 2.11 24.76 -24.64
CA ARG B 194 1.30 23.92 -25.54
C ARG B 194 0.70 24.74 -26.69
N PRO B 195 0.37 24.08 -27.84
CA PRO B 195 -0.37 24.77 -28.92
C PRO B 195 -1.59 25.49 -28.38
N GLN B 196 -1.99 26.54 -29.07
CA GLN B 196 -3.12 27.31 -28.56
C GLN B 196 -4.36 27.02 -29.38
N THR B 197 -5.09 26.02 -28.92
CA THR B 197 -6.29 25.53 -29.61
C THR B 197 -7.56 25.87 -28.81
N LYS B 198 -8.60 26.28 -29.54
CA LYS B 198 -9.91 26.44 -28.93
C LYS B 198 -10.21 25.27 -28.03
N LEU B 199 -10.03 24.07 -28.57
CA LEU B 199 -10.56 22.86 -27.99
C LEU B 199 -9.40 21.98 -27.59
N PRO C 2 -7.21 5.58 10.54
CA PRO C 2 -6.59 6.71 11.21
C PRO C 2 -5.67 7.46 10.27
N ASN C 3 -5.01 8.48 10.80
CA ASN C 3 -4.38 9.51 9.97
C ASN C 3 -2.83 9.45 9.99
N TYR C 4 -2.35 8.38 9.40
CA TYR C 4 -0.95 8.04 9.42
C TYR C 4 0.03 8.97 8.67
N LYS C 5 1.16 9.25 9.32
CA LYS C 5 2.25 9.99 8.73
C LYS C 5 3.63 9.50 9.16
N LEU C 6 4.33 8.86 8.24
CA LEU C 6 5.65 8.31 8.48
C LEU C 6 6.72 9.32 8.12
N THR C 7 7.60 9.62 9.07
CA THR C 7 8.76 10.44 8.72
C THR C 7 10.09 9.66 8.76
N TYR C 8 10.93 9.88 7.73
CA TYR C 8 12.25 9.23 7.58
C TYR C 8 13.03 9.88 6.46
N PHE C 9 14.27 9.44 6.24
CA PHE C 9 15.02 9.85 5.04
C PHE C 9 14.47 9.23 3.80
N ASN C 10 14.69 9.90 2.66
CA ASN C 10 14.37 9.30 1.37
C ASN C 10 15.20 8.06 1.04
N MET C 11 14.93 6.99 1.79
CA MET C 11 15.54 5.70 1.49
C MET C 11 14.69 4.60 2.10
N ARG C 12 15.00 3.36 1.78
CA ARG C 12 14.26 2.24 2.35
C ARG C 12 14.54 2.19 3.83
N GLY C 13 15.83 2.03 4.17
CA GLY C 13 16.31 1.91 5.51
C GLY C 13 15.35 1.26 6.48
N ARG C 14 15.19 1.89 7.64
CA ARG C 14 14.47 1.32 8.77
C ARG C 14 12.97 1.52 8.60
N ALA C 15 12.62 2.40 7.67
CA ALA C 15 11.24 2.73 7.46
C ALA C 15 10.65 1.65 6.67
N GLU C 16 11.39 1.15 5.68
CA GLU C 16 10.84 0.33 4.63
C GLU C 16 9.82 -0.70 5.07
N ILE C 17 10.02 -1.30 6.25
CA ILE C 17 9.13 -2.38 6.72
C ILE C 17 7.72 -1.87 7.04
N ILE C 18 7.62 -0.63 7.47
CA ILE C 18 6.35 0.03 7.76
C ILE C 18 5.71 0.32 6.42
N ARG C 19 6.54 0.75 5.47
CA ARG C 19 6.00 1.00 4.14
C ARG C 19 5.41 -0.27 3.51
N TYR C 20 5.96 -1.45 3.81
CA TYR C 20 5.40 -2.67 3.25
C TYR C 20 4.18 -3.10 4.02
N ILE C 21 4.26 -3.07 5.35
CA ILE C 21 3.09 -3.41 6.18
C ILE C 21 1.89 -2.59 5.70
N PHE C 22 2.12 -1.30 5.45
CA PHE C 22 1.08 -0.35 5.03
C PHE C 22 0.46 -0.75 3.69
N ALA C 23 1.31 -1.29 2.81
CA ALA C 23 0.94 -1.56 1.42
C ALA C 23 0.15 -2.87 1.30
N TYR C 24 0.68 -3.92 1.92
CA TYR C 24 -0.02 -5.19 1.99
C TYR C 24 -1.38 -5.08 2.65
N LEU C 25 -1.50 -4.21 3.65
CA LEU C 25 -2.73 -4.07 4.43
C LEU C 25 -3.59 -2.97 3.85
N ASP C 26 -3.01 -2.24 2.89
CA ASP C 26 -3.67 -1.12 2.22
C ASP C 26 -4.22 -0.08 3.21
N ILE C 27 -3.34 0.50 4.03
CA ILE C 27 -3.76 1.59 4.93
C ILE C 27 -3.06 2.84 4.47
N GLN C 28 -3.78 3.97 4.44
CA GLN C 28 -3.23 5.22 3.87
C GLN C 28 -2.21 5.75 4.81
N TYR C 29 -1.29 6.53 4.26
CA TYR C 29 -0.23 7.14 5.05
C TYR C 29 0.52 8.17 4.21
N GLU C 30 0.86 9.30 4.80
CA GLU C 30 1.72 10.25 4.15
C GLU C 30 3.17 9.79 4.32
N ASP C 31 3.73 9.21 3.26
CA ASP C 31 5.14 8.86 3.22
C ASP C 31 6.00 10.10 3.22
N HIS C 32 6.26 10.69 4.38
CA HIS C 32 7.10 11.89 4.40
C HIS C 32 8.59 11.53 4.36
N ARG C 33 9.24 11.96 3.31
CA ARG C 33 10.63 11.70 3.09
C ARG C 33 11.38 13.01 3.21
N ILE C 34 12.50 12.99 3.91
CA ILE C 34 13.22 14.20 4.16
C ILE C 34 14.66 14.13 3.65
N GLU C 35 15.25 15.31 3.53
CA GLU C 35 16.64 15.53 3.17
C GLU C 35 17.44 15.76 4.42
N GLN C 36 18.75 15.55 4.30
CA GLN C 36 19.66 15.50 5.43
C GLN C 36 19.96 16.85 6.07
N ALA C 37 19.91 17.92 5.28
CA ALA C 37 20.29 19.25 5.77
C ALA C 37 19.26 19.93 6.69
N ASP C 38 18.00 19.52 6.59
CA ASP C 38 16.96 20.14 7.44
C ASP C 38 16.48 19.15 8.49
N TRP C 39 17.27 18.08 8.63
CA TRP C 39 17.01 17.03 9.61
C TRP C 39 17.36 17.49 11.03
N PRO C 40 18.59 18.03 11.24
CA PRO C 40 18.98 18.42 12.60
C PRO C 40 18.01 19.45 13.18
N GLU C 41 17.35 20.20 12.32
CA GLU C 41 16.22 20.98 12.77
C GLU C 41 15.22 19.99 13.37
N ILE C 42 14.62 19.17 12.49
CA ILE C 42 13.60 18.18 12.89
C ILE C 42 13.99 17.30 14.10
N LYS C 43 15.26 16.90 14.16
CA LYS C 43 15.79 15.95 15.17
C LYS C 43 15.63 16.47 16.59
N SER C 44 16.13 17.68 16.81
CA SER C 44 16.05 18.39 18.10
C SER C 44 14.63 18.44 18.68
N THR C 45 13.62 18.32 17.81
CA THR C 45 12.21 18.34 18.22
C THR C 45 11.62 16.96 18.44
N LEU C 46 12.46 15.91 18.38
CA LEU C 46 11.97 14.52 18.56
C LEU C 46 12.39 13.97 19.92
N PRO C 47 11.46 13.30 20.61
CA PRO C 47 11.71 12.79 21.98
C PRO C 47 13.04 12.03 22.06
N PHE C 48 13.28 11.15 21.08
CA PHE C 48 14.45 10.31 21.11
C PHE C 48 15.44 10.54 19.98
N GLY C 49 15.19 11.61 19.22
CA GLY C 49 16.13 12.11 18.21
C GLY C 49 16.52 11.11 17.14
N LYS C 50 15.60 10.20 16.81
CA LYS C 50 15.81 9.19 15.77
C LYS C 50 14.56 9.00 14.94
N ILE C 51 14.77 8.70 13.67
CA ILE C 51 13.73 8.31 12.75
C ILE C 51 13.93 6.84 12.31
N PRO C 52 12.86 6.14 11.88
CA PRO C 52 11.48 6.54 11.61
C PRO C 52 10.64 6.95 12.82
N ILE C 53 9.62 7.75 12.54
CA ILE C 53 8.58 8.06 13.49
C ILE C 53 7.27 7.90 12.73
N LEU C 54 6.25 7.34 13.38
CA LEU C 54 4.93 7.36 12.79
C LEU C 54 4.10 8.35 13.60
N GLU C 55 3.43 9.31 12.95
CA GLU C 55 2.48 10.16 13.67
C GLU C 55 1.08 9.66 13.41
N VAL C 56 0.31 9.51 14.48
CA VAL C 56 -1.15 9.36 14.46
C VAL C 56 -1.75 10.31 15.49
N ASP C 57 -2.90 10.88 15.14
CA ASP C 57 -3.68 11.68 16.09
C ASP C 57 -2.83 12.51 17.03
N GLY C 58 -1.84 13.21 16.52
CA GLY C 58 -1.07 14.13 17.36
C GLY C 58 -0.07 13.41 18.24
N LEU C 59 -0.03 12.09 18.13
CA LEU C 59 0.93 11.31 18.90
C LEU C 59 2.02 10.82 17.96
N THR C 60 3.26 11.00 18.40
CA THR C 60 4.43 10.56 17.70
C THR C 60 4.75 9.13 18.21
N LEU C 61 4.95 8.17 17.31
CA LEU C 61 5.55 6.86 17.67
C LEU C 61 6.97 6.75 17.10
N HIS C 62 7.82 5.97 17.74
CA HIS C 62 9.16 5.70 17.23
C HIS C 62 9.45 4.19 17.36
N GLN C 63 10.68 3.80 17.01
CA GLN C 63 11.10 2.42 16.95
C GLN C 63 10.33 1.63 15.90
N SER C 64 10.99 1.36 14.77
CA SER C 64 10.39 0.84 13.53
C SER C 64 9.75 -0.51 13.74
N LEU C 65 10.42 -1.31 14.56
CA LEU C 65 9.97 -2.66 14.84
C LEU C 65 8.78 -2.63 15.79
N ALA C 66 8.79 -1.68 16.72
CA ALA C 66 7.67 -1.45 17.63
C ALA C 66 6.41 -0.96 16.88
N ILE C 67 6.64 -0.14 15.86
CA ILE C 67 5.58 0.36 15.00
C ILE C 67 5.18 -0.76 14.05
N ALA C 68 6.18 -1.41 13.45
CA ALA C 68 5.92 -2.59 12.66
C ALA C 68 4.97 -3.56 13.39
N ARG C 69 5.29 -3.92 14.63
CA ARG C 69 4.52 -4.95 15.36
C ARG C 69 3.12 -4.48 15.77
N TYR C 70 3.05 -3.19 16.08
CA TYR C 70 1.82 -2.54 16.47
C TYR C 70 0.80 -2.57 15.33
N LEU C 71 1.27 -2.29 14.12
CA LEU C 71 0.40 -2.25 12.93
C LEU C 71 0.04 -3.64 12.37
N THR C 72 0.54 -4.71 12.98
CA THR C 72 0.35 -6.04 12.46
C THR C 72 -0.37 -6.98 13.43
N GLU C 73 -0.38 -6.60 14.69
CA GLU C 73 -1.36 -7.07 15.68
C GLU C 73 -2.71 -7.32 14.97
N ASN C 74 -3.27 -8.53 15.11
CA ASN C 74 -4.63 -8.86 14.59
C ASN C 74 -4.86 -8.70 13.07
N THR C 75 -3.78 -8.67 12.30
CA THR C 75 -3.87 -8.85 10.86
C THR C 75 -3.19 -10.18 10.50
N ASP C 76 -3.36 -10.62 9.26
CA ASP C 76 -2.95 -11.98 8.90
C ASP C 76 -1.40 -12.13 8.94
N LEU C 77 -0.71 -10.99 9.05
CA LEU C 77 0.75 -10.87 9.06
C LEU C 77 1.33 -11.08 10.44
N ALA C 78 0.46 -11.23 11.43
CA ALA C 78 0.88 -11.16 12.81
C ALA C 78 1.50 -12.43 13.40
N GLY C 79 1.22 -13.58 12.77
CA GLY C 79 1.55 -14.87 13.37
C GLY C 79 0.33 -15.43 14.06
N ASN C 80 0.19 -16.75 14.04
CA ASN C 80 -1.07 -17.39 14.45
C ASN C 80 -1.23 -17.71 15.95
N THR C 81 -0.16 -18.01 16.70
CA THR C 81 -0.31 -18.22 18.16
C THR C 81 0.67 -17.37 18.93
N GLU C 82 0.48 -17.25 20.24
CA GLU C 82 1.48 -16.60 21.07
C GLU C 82 2.87 -17.12 20.73
N MET C 83 2.93 -18.40 20.33
CA MET C 83 4.15 -19.06 19.92
C MET C 83 4.66 -18.47 18.62
N GLU C 84 3.85 -18.52 17.58
CA GLU C 84 4.27 -18.01 16.30
C GLU C 84 4.66 -16.53 16.38
N GLN C 85 4.08 -15.79 17.31
CA GLN C 85 4.39 -14.39 17.48
C GLN C 85 5.73 -14.26 18.16
N CYS C 86 6.03 -15.14 19.11
CA CYS C 86 7.38 -15.11 19.66
C CYS C 86 8.39 -15.30 18.53
N HIS C 87 8.13 -16.27 17.63
CA HIS C 87 9.12 -16.60 16.60
C HIS C 87 9.29 -15.50 15.60
N VAL C 88 8.16 -14.94 15.19
CA VAL C 88 8.20 -13.77 14.37
C VAL C 88 9.13 -12.75 14.98
N ASP C 89 8.92 -12.42 16.25
CA ASP C 89 9.69 -11.37 16.95
C ASP C 89 11.15 -11.72 17.11
N ALA C 90 11.43 -13.00 17.41
CA ALA C 90 12.77 -13.45 17.65
C ALA C 90 13.56 -13.38 16.37
N ILE C 91 12.86 -13.51 15.24
CA ILE C 91 13.51 -13.53 13.95
C ILE C 91 13.75 -12.11 13.47
N VAL C 92 12.75 -11.26 13.68
CA VAL C 92 12.84 -9.89 13.21
C VAL C 92 14.01 -9.24 13.94
N ASP C 93 14.19 -9.63 15.19
CA ASP C 93 15.24 -9.10 16.04
C ASP C 93 16.60 -9.68 15.68
N THR C 94 16.63 -10.97 15.35
CA THR C 94 17.87 -11.59 14.89
C THR C 94 18.37 -10.94 13.60
N LEU C 95 17.47 -10.73 12.65
CA LEU C 95 17.73 -9.90 11.48
C LEU C 95 18.13 -8.45 11.87
N ASP C 96 17.31 -7.78 12.69
CA ASP C 96 17.64 -6.37 13.01
C ASP C 96 18.97 -6.25 13.80
N ASP C 97 19.30 -7.28 14.60
CA ASP C 97 20.54 -7.33 15.39
C ASP C 97 21.83 -7.26 14.59
N PHE C 98 21.78 -7.85 13.42
CA PHE C 98 22.91 -7.91 12.53
C PHE C 98 22.96 -6.65 11.70
N MET C 99 21.80 -6.15 11.33
CA MET C 99 21.72 -4.98 10.49
C MET C 99 22.21 -3.81 11.27
N SER C 100 21.92 -3.81 12.56
CA SER C 100 22.35 -2.77 13.50
C SER C 100 23.84 -2.71 13.69
N CYS C 101 24.55 -3.77 13.29
CA CYS C 101 26.01 -3.78 13.41
C CYS C 101 26.64 -2.89 12.35
N PHE C 102 25.90 -2.56 11.28
CA PHE C 102 26.55 -1.82 10.20
C PHE C 102 26.73 -0.34 10.52
N PRO C 103 27.93 0.21 10.26
CA PRO C 103 28.11 1.61 10.71
C PRO C 103 27.66 2.52 9.58
N TRP C 104 26.36 2.77 9.51
CA TRP C 104 25.80 3.48 8.38
C TRP C 104 26.11 4.97 8.42
N ALA C 105 26.45 5.50 9.57
CA ALA C 105 26.82 6.94 9.69
C ALA C 105 28.34 7.17 9.72
N GLU C 106 29.12 6.15 9.40
CA GLU C 106 30.53 6.41 9.42
C GLU C 106 30.77 7.42 8.30
N LYS C 107 31.36 8.55 8.67
CA LYS C 107 31.56 9.64 7.75
C LYS C 107 32.95 9.50 7.19
N LYS C 108 33.58 8.37 7.49
CA LYS C 108 34.89 8.07 6.93
C LYS C 108 34.88 6.77 6.14
N GLN C 109 34.65 6.86 4.82
CA GLN C 109 34.33 5.67 3.98
C GLN C 109 35.29 4.53 4.22
N ASP C 110 36.57 4.87 4.33
CA ASP C 110 37.65 3.92 4.47
C ASP C 110 37.43 3.00 5.68
N VAL C 111 36.84 3.56 6.73
CA VAL C 111 36.47 2.82 7.93
C VAL C 111 35.17 2.07 7.67
N LYS C 112 34.22 2.78 7.05
CA LYS C 112 32.90 2.25 6.72
C LYS C 112 33.10 1.03 5.82
N GLU C 113 33.67 1.28 4.64
CA GLU C 113 34.01 0.23 3.68
C GLU C 113 34.63 -0.98 4.36
N GLN C 114 35.45 -0.73 5.37
CA GLN C 114 36.17 -1.79 6.13
C GLN C 114 35.22 -2.69 6.91
N MET C 115 34.48 -2.09 7.84
CA MET C 115 33.54 -2.84 8.66
C MET C 115 32.47 -3.54 7.84
N PHE C 116 32.15 -3.00 6.66
CA PHE C 116 31.17 -3.64 5.78
C PHE C 116 31.65 -4.97 5.28
N ASN C 117 32.89 -5.02 4.79
CA ASN C 117 33.47 -6.25 4.27
C ASN C 117 33.65 -7.25 5.39
N GLU C 118 34.15 -6.79 6.55
CA GLU C 118 34.36 -7.69 7.69
C GLU C 118 33.06 -8.34 8.12
N LEU C 119 32.05 -7.51 8.40
CA LEU C 119 30.75 -8.03 8.80
C LEU C 119 30.26 -8.96 7.71
N LEU C 120 30.21 -8.44 6.49
CA LEU C 120 29.74 -9.20 5.34
C LEU C 120 30.61 -10.37 4.93
N THR C 121 31.87 -10.40 5.38
CA THR C 121 32.79 -11.53 5.09
C THR C 121 32.68 -12.62 6.14
N TYR C 122 32.88 -12.23 7.39
CA TYR C 122 33.06 -13.19 8.48
C TYR C 122 31.77 -13.51 9.24
N ASN C 123 30.89 -12.50 9.41
CA ASN C 123 29.63 -12.68 10.17
C ASN C 123 28.45 -13.16 9.36
N ALA C 124 28.18 -12.47 8.26
CA ALA C 124 27.03 -12.76 7.42
C ALA C 124 26.79 -14.23 7.05
N PRO C 125 27.77 -14.91 6.41
CA PRO C 125 27.37 -16.19 5.83
C PRO C 125 26.83 -17.21 6.87
N HIS C 126 27.27 -17.08 8.12
CA HIS C 126 26.79 -17.90 9.24
C HIS C 126 25.38 -17.57 9.61
N LEU C 127 25.09 -16.26 9.68
CA LEU C 127 23.73 -15.84 9.82
C LEU C 127 22.97 -16.39 8.62
N MET C 128 23.52 -16.29 7.42
CA MET C 128 22.84 -16.80 6.23
C MET C 128 22.56 -18.32 6.28
N GLN C 129 23.55 -19.07 6.75
CA GLN C 129 23.42 -20.50 6.92
C GLN C 129 22.30 -20.77 7.93
N ASP C 130 22.52 -20.30 9.17
CA ASP C 130 21.59 -20.57 10.25
C ASP C 130 20.14 -20.16 9.93
N LEU C 131 19.98 -19.26 8.95
CA LEU C 131 18.65 -18.84 8.43
C LEU C 131 18.03 -19.85 7.49
N ASP C 132 18.87 -20.39 6.60
CA ASP C 132 18.47 -21.40 5.61
C ASP C 132 18.17 -22.73 6.31
N THR C 133 18.84 -22.98 7.44
CA THR C 133 18.63 -24.17 8.26
C THR C 133 17.51 -24.06 9.29
N TYR C 134 17.17 -22.83 9.68
CA TYR C 134 15.97 -22.60 10.49
C TYR C 134 14.74 -22.69 9.59
N LEU C 135 14.87 -22.19 8.36
CA LEU C 135 13.79 -22.25 7.38
C LEU C 135 13.54 -23.72 7.01
N GLY C 136 14.62 -24.52 6.97
CA GLY C 136 14.51 -25.92 6.56
C GLY C 136 13.90 -26.06 5.18
N GLY C 137 12.80 -26.81 5.08
CA GLY C 137 12.09 -26.97 3.82
C GLY C 137 10.76 -26.24 3.81
N ARG C 138 10.59 -25.29 4.73
CA ARG C 138 9.30 -24.61 4.88
C ARG C 138 9.14 -23.50 3.87
N GLU C 139 7.89 -23.10 3.67
CA GLU C 139 7.57 -22.10 2.68
C GLU C 139 7.74 -20.70 3.19
N TRP C 140 7.56 -20.54 4.51
CA TRP C 140 7.65 -19.26 5.17
C TRP C 140 8.39 -19.57 6.43
N LEU C 141 8.94 -18.53 7.04
CA LEU C 141 9.78 -18.70 8.21
C LEU C 141 8.91 -19.05 9.40
N ILE C 142 7.74 -18.46 9.50
CA ILE C 142 6.90 -18.75 10.64
C ILE C 142 5.56 -19.27 10.19
N GLY C 143 5.27 -20.46 10.69
CA GLY C 143 4.00 -21.14 10.50
C GLY C 143 3.61 -21.31 9.05
N ASN C 144 2.33 -21.06 8.78
CA ASN C 144 1.63 -21.49 7.58
C ASN C 144 1.62 -20.48 6.45
N SER C 145 2.01 -19.25 6.75
CA SER C 145 1.71 -18.14 5.88
C SER C 145 2.67 -16.99 6.12
N VAL C 146 2.62 -16.03 5.21
CA VAL C 146 3.54 -14.93 5.24
C VAL C 146 3.40 -14.07 6.50
N THR C 147 4.52 -13.80 7.16
CA THR C 147 4.50 -12.87 8.29
C THR C 147 5.36 -11.66 7.92
N TRP C 148 5.28 -10.60 8.71
CA TRP C 148 6.09 -9.44 8.42
C TRP C 148 7.57 -9.77 8.67
N ALA C 149 7.82 -10.95 9.21
CA ALA C 149 9.18 -11.46 9.37
C ALA C 149 9.76 -11.83 8.01
N ASP C 150 8.88 -12.30 7.12
CA ASP C 150 9.24 -12.65 5.75
C ASP C 150 9.59 -11.38 4.95
N PHE C 151 8.76 -10.35 5.13
CA PHE C 151 8.99 -9.01 4.62
C PHE C 151 10.34 -8.49 5.05
N TYR C 152 10.60 -8.50 6.35
CA TYR C 152 11.83 -7.94 6.91
C TYR C 152 13.12 -8.60 6.39
N TRP C 153 13.02 -9.88 6.07
CA TRP C 153 14.15 -10.63 5.53
C TRP C 153 14.37 -10.16 4.11
N GLU C 154 13.29 -10.07 3.35
CA GLU C 154 13.35 -9.56 2.01
C GLU C 154 14.00 -8.17 2.04
N ILE C 155 13.44 -7.27 2.82
CA ILE C 155 13.95 -5.91 2.91
C ILE C 155 15.43 -5.87 3.28
N CYS C 156 15.80 -6.60 4.34
CA CYS C 156 17.21 -6.60 4.82
C CYS C 156 18.13 -7.18 3.77
N SER C 157 17.74 -8.33 3.24
CA SER C 157 18.59 -9.10 2.37
C SER C 157 18.81 -8.32 1.10
N THR C 158 17.81 -7.53 0.73
CA THR C 158 17.92 -6.63 -0.40
C THR C 158 19.09 -5.69 -0.22
N THR C 159 19.27 -5.17 0.97
CA THR C 159 20.34 -4.22 1.20
C THR C 159 21.71 -4.87 1.28
N LEU C 160 21.80 -6.01 1.97
CA LEU C 160 23.07 -6.73 2.06
C LEU C 160 23.55 -7.04 0.63
N LEU C 161 22.63 -7.46 -0.24
CA LEU C 161 22.96 -7.83 -1.60
C LEU C 161 23.49 -6.70 -2.49
N VAL C 162 23.13 -5.47 -2.16
CA VAL C 162 23.82 -4.35 -2.79
C VAL C 162 25.35 -4.52 -2.54
N PHE C 163 25.70 -4.79 -1.30
CA PHE C 163 27.08 -4.76 -0.87
C PHE C 163 27.82 -6.07 -1.02
N LYS C 164 27.08 -7.18 -0.97
CA LYS C 164 27.62 -8.50 -1.29
C LYS C 164 26.64 -9.28 -2.18
N PRO C 165 26.83 -9.23 -3.51
CA PRO C 165 25.82 -9.75 -4.45
C PRO C 165 25.81 -11.26 -4.55
N ASP C 166 26.75 -11.90 -3.86
CA ASP C 166 26.85 -13.38 -3.80
C ASP C 166 26.38 -13.97 -2.46
N LEU C 167 25.87 -13.10 -1.60
CA LEU C 167 25.38 -13.47 -0.29
C LEU C 167 24.50 -14.72 -0.24
N LEU C 168 23.63 -14.90 -1.24
CA LEU C 168 22.72 -16.06 -1.27
C LEU C 168 23.05 -17.15 -2.29
N ASP C 169 24.27 -17.12 -2.86
CA ASP C 169 24.59 -17.97 -3.99
C ASP C 169 24.36 -19.45 -3.70
N ASN C 170 24.78 -19.91 -2.53
CA ASN C 170 24.51 -21.29 -2.11
C ASN C 170 23.46 -21.41 -1.00
N HIS C 171 22.42 -20.57 -1.11
CA HIS C 171 21.19 -20.69 -0.33
C HIS C 171 19.99 -20.38 -1.23
N PRO C 172 19.85 -21.10 -2.37
CA PRO C 172 18.74 -20.88 -3.31
C PRO C 172 17.38 -20.67 -2.63
N ARG C 173 17.23 -21.14 -1.40
CA ARG C 173 15.93 -21.17 -0.73
C ARG C 173 15.59 -19.82 -0.12
N LEU C 174 16.53 -19.26 0.63
CA LEU C 174 16.47 -17.87 1.08
C LEU C 174 16.24 -16.95 -0.12
N VAL C 175 16.74 -17.39 -1.29
CA VAL C 175 16.48 -16.71 -2.57
C VAL C 175 15.02 -16.80 -3.00
N THR C 176 14.46 -18.01 -2.96
CA THR C 176 13.07 -18.19 -3.38
C THR C 176 12.15 -17.35 -2.52
N LEU C 177 12.24 -17.52 -1.19
CA LEU C 177 11.44 -16.77 -0.19
C LEU C 177 11.45 -15.26 -0.45
N ARG C 178 12.62 -14.71 -0.79
CA ARG C 178 12.69 -13.34 -1.23
C ARG C 178 11.76 -13.21 -2.41
N LYS C 179 11.93 -14.07 -3.42
CA LYS C 179 11.10 -13.96 -4.62
C LYS C 179 9.61 -14.13 -4.35
N LYS C 180 9.24 -15.03 -3.43
CA LYS C 180 7.85 -15.09 -2.98
C LYS C 180 7.36 -13.68 -2.56
N VAL C 181 8.05 -13.06 -1.58
CA VAL C 181 7.64 -11.80 -0.97
C VAL C 181 7.48 -10.75 -2.05
N GLN C 182 8.51 -10.64 -2.88
CA GLN C 182 8.53 -9.62 -3.89
C GLN C 182 7.40 -9.82 -4.87
N ALA C 183 6.81 -11.01 -4.85
CA ALA C 183 5.76 -11.34 -5.82
C ALA C 183 4.35 -11.13 -5.27
N ILE C 184 4.24 -10.83 -3.98
CA ILE C 184 2.91 -10.58 -3.41
C ILE C 184 2.31 -9.39 -4.14
N PRO C 185 1.07 -9.54 -4.63
CA PRO C 185 0.64 -8.47 -5.51
C PRO C 185 0.86 -7.08 -4.91
N ALA C 186 0.67 -6.93 -3.61
CA ALA C 186 0.79 -5.61 -2.97
C ALA C 186 2.23 -5.13 -2.82
N VAL C 187 3.13 -6.10 -2.63
CA VAL C 187 4.54 -5.79 -2.41
C VAL C 187 5.20 -5.36 -3.73
N ALA C 188 5.10 -6.23 -4.75
CA ALA C 188 5.59 -5.99 -6.09
C ALA C 188 5.20 -4.61 -6.58
N ASN C 189 3.93 -4.28 -6.39
CA ASN C 189 3.39 -3.00 -6.78
C ASN C 189 4.11 -1.87 -6.10
N TRP C 190 4.25 -2.00 -4.80
CA TRP C 190 4.93 -0.98 -4.02
C TRP C 190 6.40 -0.91 -4.40
N ILE C 191 6.99 -2.06 -4.74
CA ILE C 191 8.34 -2.09 -5.33
C ILE C 191 8.44 -1.22 -6.59
N LYS C 192 7.42 -1.24 -7.45
CA LYS C 192 7.49 -0.43 -8.68
C LYS C 192 7.29 1.07 -8.38
N ARG C 193 6.45 1.37 -7.38
CA ARG C 193 6.04 2.73 -7.05
C ARG C 193 7.05 3.51 -6.21
N ARG C 194 7.65 2.86 -5.23
CA ARG C 194 8.57 3.57 -4.34
C ARG C 194 9.73 4.17 -5.11
N PRO C 195 10.30 5.28 -4.61
CA PRO C 195 11.48 5.80 -5.28
C PRO C 195 12.62 4.78 -5.25
N GLN C 196 13.39 4.73 -6.33
CA GLN C 196 14.52 3.87 -6.40
C GLN C 196 15.61 4.68 -5.75
N THR C 197 16.18 4.11 -4.68
CA THR C 197 17.25 4.74 -3.92
C THR C 197 18.21 3.65 -3.54
N LYS C 198 19.48 3.98 -3.26
CA LYS C 198 20.49 2.95 -3.03
C LYS C 198 20.20 2.09 -1.79
N LEU C 199 19.73 2.74 -0.72
CA LEU C 199 19.45 2.07 0.54
C LEU C 199 18.00 2.27 0.98
N PRO D 2 3.13 -25.63 32.31
CA PRO D 2 4.31 -25.56 31.42
C PRO D 2 5.64 -25.40 32.20
N ASN D 3 6.65 -26.22 31.87
CA ASN D 3 7.96 -26.24 32.56
C ASN D 3 9.13 -25.49 31.84
N TYR D 4 9.78 -24.60 32.57
CA TYR D 4 10.64 -23.60 31.96
C TYR D 4 12.12 -23.71 32.37
N LYS D 5 13.00 -23.78 31.38
CA LYS D 5 14.44 -23.70 31.61
C LYS D 5 15.10 -22.56 30.81
N LEU D 6 15.91 -21.77 31.49
CA LEU D 6 16.48 -20.56 30.91
C LEU D 6 18.01 -20.61 30.92
N THR D 7 18.64 -20.47 29.76
CA THR D 7 20.10 -20.58 29.73
C THR D 7 20.81 -19.22 29.57
N TYR D 8 21.82 -18.99 30.40
CA TYR D 8 22.66 -17.78 30.33
C TYR D 8 23.80 -17.87 31.35
N PHE D 9 24.91 -17.18 31.09
CA PHE D 9 26.06 -17.17 32.02
C PHE D 9 25.72 -16.67 33.44
N ASN D 10 26.64 -16.84 34.40
CA ASN D 10 26.52 -16.22 35.72
C ASN D 10 26.55 -14.69 35.57
N MET D 11 25.41 -14.23 35.05
CA MET D 11 25.19 -12.85 34.63
C MET D 11 23.69 -12.60 34.61
N ARG D 12 23.27 -11.45 35.12
CA ARG D 12 21.95 -10.94 34.78
C ARG D 12 21.90 -10.70 33.26
N GLY D 13 22.68 -9.73 32.80
CA GLY D 13 22.83 -9.39 31.38
C GLY D 13 21.50 -9.36 30.65
N ARG D 14 21.36 -10.26 29.68
CA ARG D 14 20.23 -10.24 28.75
C ARG D 14 19.05 -11.11 29.12
N ALA D 15 19.20 -12.03 30.07
CA ALA D 15 18.05 -12.86 30.41
C ALA D 15 17.37 -12.32 31.63
N GLU D 16 18.08 -11.45 32.33
CA GLU D 16 17.57 -10.82 33.54
C GLU D 16 16.16 -10.25 33.41
N ILE D 17 15.80 -9.74 32.22
CA ILE D 17 14.44 -9.22 32.05
C ILE D 17 13.42 -10.36 32.15
N ILE D 18 13.78 -11.51 31.58
CA ILE D 18 13.00 -12.74 31.75
C ILE D 18 12.89 -13.13 33.25
N ARG D 19 14.02 -13.13 33.96
CA ARG D 19 14.11 -13.43 35.39
C ARG D 19 13.34 -12.47 36.29
N TYR D 20 13.10 -11.24 35.85
CA TYR D 20 12.23 -10.34 36.58
C TYR D 20 10.80 -10.78 36.34
N ILE D 21 10.49 -11.11 35.09
CA ILE D 21 9.12 -11.39 34.73
C ILE D 21 8.64 -12.59 35.55
N PHE D 22 9.37 -13.71 35.48
CA PHE D 22 9.07 -14.94 36.22
C PHE D 22 8.72 -14.68 37.69
N ALA D 23 9.69 -14.08 38.39
CA ALA D 23 9.60 -13.66 39.78
C ALA D 23 8.35 -12.84 40.11
N TYR D 24 8.06 -11.84 39.28
CA TYR D 24 6.81 -11.06 39.41
C TYR D 24 5.57 -11.90 39.23
N LEU D 25 5.46 -12.66 38.13
CA LEU D 25 4.25 -13.47 37.94
C LEU D 25 4.29 -14.76 38.75
N ASP D 26 5.27 -14.84 39.68
CA ASP D 26 5.50 -16.01 40.53
C ASP D 26 5.46 -17.35 39.78
N ILE D 27 5.79 -17.32 38.49
CA ILE D 27 5.91 -18.53 37.69
C ILE D 27 7.24 -19.23 38.06
N GLN D 28 7.36 -20.53 37.76
CA GLN D 28 8.56 -21.28 38.12
C GLN D 28 9.39 -21.89 36.99
N TYR D 29 10.71 -21.76 37.15
CA TYR D 29 11.70 -21.99 36.10
C TYR D 29 13.05 -22.29 36.75
N GLU D 30 13.98 -22.89 35.98
CA GLU D 30 15.38 -23.10 36.43
C GLU D 30 16.40 -22.13 35.76
N ASP D 31 17.23 -21.53 36.60
CA ASP D 31 18.16 -20.47 36.20
C ASP D 31 19.56 -21.06 35.91
N HIS D 32 19.67 -21.80 34.81
CA HIS D 32 20.92 -22.45 34.39
C HIS D 32 22.01 -21.43 34.02
N ARG D 33 22.80 -21.02 35.02
CA ARG D 33 23.93 -20.08 34.84
C ARG D 33 25.25 -20.82 34.62
N ILE D 34 25.70 -20.90 33.37
CA ILE D 34 26.97 -21.58 33.03
C ILE D 34 28.19 -20.65 33.06
N GLU D 35 29.36 -21.26 32.81
CA GLU D 35 30.67 -20.59 32.83
C GLU D 35 31.08 -20.34 31.39
N GLN D 36 31.78 -19.23 31.12
CA GLN D 36 32.14 -18.88 29.73
C GLN D 36 32.93 -19.97 28.98
N ALA D 37 33.81 -20.67 29.70
CA ALA D 37 34.46 -21.90 29.19
C ALA D 37 33.47 -23.02 28.77
N ASP D 38 32.31 -23.10 29.45
CA ASP D 38 31.24 -24.04 29.10
C ASP D 38 30.66 -23.83 27.69
N TRP D 39 30.91 -22.64 27.14
CA TRP D 39 30.19 -22.13 25.97
C TRP D 39 30.17 -23.02 24.69
N PRO D 40 31.26 -23.00 23.86
CA PRO D 40 31.33 -23.62 22.52
C PRO D 40 30.64 -24.98 22.36
N GLU D 41 30.53 -25.69 23.48
CA GLU D 41 29.88 -26.99 23.57
C GLU D 41 28.50 -26.98 22.90
N ILE D 42 27.65 -26.07 23.36
CA ILE D 42 26.25 -26.03 22.99
C ILE D 42 25.97 -24.89 22.00
N LYS D 43 26.83 -23.87 21.98
CA LYS D 43 26.69 -22.76 21.02
C LYS D 43 26.48 -23.24 19.59
N SER D 44 26.54 -24.56 19.37
CA SER D 44 26.28 -25.16 18.03
C SER D 44 25.21 -26.27 17.98
N THR D 45 24.42 -26.36 19.05
CA THR D 45 23.22 -27.19 19.04
C THR D 45 22.01 -26.28 18.91
N LEU D 46 22.28 -24.97 18.89
CA LEU D 46 21.24 -23.94 18.85
C LEU D 46 20.91 -23.54 17.41
N PRO D 47 19.60 -23.46 17.07
CA PRO D 47 19.12 -23.08 15.73
C PRO D 47 19.64 -21.73 15.24
N PHE D 48 20.02 -20.84 16.17
CA PHE D 48 20.67 -19.54 15.88
C PHE D 48 21.91 -19.21 16.69
N GLY D 49 22.28 -20.09 17.61
CA GLY D 49 23.60 -20.04 18.24
C GLY D 49 23.87 -18.95 19.28
N LYS D 50 22.82 -18.42 19.92
CA LYS D 50 22.99 -17.40 20.96
C LYS D 50 22.14 -17.70 22.19
N ILE D 51 22.55 -17.17 23.33
CA ILE D 51 21.78 -17.27 24.54
C ILE D 51 21.49 -15.84 24.95
N PRO D 52 20.37 -15.59 25.64
CA PRO D 52 19.39 -16.49 26.24
C PRO D 52 18.55 -17.35 25.32
N ILE D 53 18.10 -18.46 25.85
CA ILE D 53 16.99 -19.20 25.28
C ILE D 53 16.11 -19.59 26.45
N LEU D 54 14.93 -20.09 26.15
CA LEU D 54 14.00 -20.52 27.16
C LEU D 54 13.35 -21.74 26.58
N GLU D 55 13.67 -22.88 27.20
CA GLU D 55 13.18 -24.18 26.79
C GLU D 55 11.83 -24.31 27.45
N VAL D 56 10.78 -24.32 26.64
CA VAL D 56 9.39 -24.39 27.08
C VAL D 56 8.82 -25.76 26.74
N ASP D 57 8.94 -26.70 27.69
CA ASP D 57 8.55 -28.11 27.46
C ASP D 57 9.17 -28.59 26.15
N GLY D 58 10.49 -28.73 26.17
CA GLY D 58 11.27 -29.03 24.98
C GLY D 58 11.57 -27.77 24.20
N LEU D 59 10.49 -27.06 23.84
CA LEU D 59 10.53 -25.99 22.85
C LEU D 59 11.53 -24.89 23.16
N THR D 60 12.44 -24.66 22.21
CA THR D 60 13.47 -23.68 22.42
C THR D 60 13.07 -22.37 21.76
N LEU D 61 13.10 -21.32 22.57
CA LEU D 61 12.74 -19.97 22.16
C LEU D 61 13.98 -19.10 22.28
N HIS D 62 14.04 -18.03 21.49
CA HIS D 62 15.27 -17.23 21.42
C HIS D 62 14.99 -15.74 21.29
N GLN D 63 15.99 -14.93 21.61
CA GLN D 63 15.83 -13.47 21.69
C GLN D 63 15.08 -13.06 22.94
N SER D 64 15.78 -12.34 23.81
CA SER D 64 15.30 -12.00 25.12
C SER D 64 13.97 -11.22 25.06
N LEU D 65 13.96 -10.14 24.27
CA LEU D 65 12.82 -9.22 24.25
C LEU D 65 11.58 -9.89 23.71
N ALA D 66 11.76 -10.77 22.75
CA ALA D 66 10.63 -11.45 22.14
C ALA D 66 10.08 -12.60 23.02
N ILE D 67 11.00 -13.26 23.74
CA ILE D 67 10.64 -14.07 24.91
C ILE D 67 9.93 -13.19 25.95
N ALA D 68 10.51 -12.03 26.30
CA ALA D 68 9.83 -11.14 27.27
C ALA D 68 8.38 -10.81 26.85
N ARG D 69 8.20 -10.46 25.59
CA ARG D 69 6.91 -10.01 25.08
C ARG D 69 5.94 -11.15 25.14
N TYR D 70 6.42 -12.32 24.73
CA TYR D 70 5.64 -13.55 24.76
C TYR D 70 5.18 -13.83 26.19
N LEU D 71 6.10 -13.82 27.14
CA LEU D 71 5.77 -14.11 28.53
C LEU D 71 4.76 -13.12 29.10
N THR D 72 4.89 -11.84 28.77
CA THR D 72 4.02 -10.83 29.35
C THR D 72 2.68 -10.64 28.65
N GLU D 73 2.53 -11.16 27.43
CA GLU D 73 1.29 -10.96 26.66
C GLU D 73 0.12 -11.55 27.44
N ASN D 74 -0.82 -10.67 27.79
CA ASN D 74 -2.00 -10.98 28.60
C ASN D 74 -1.78 -10.96 30.08
N THR D 75 -0.68 -10.36 30.53
CA THR D 75 -0.46 -10.07 31.95
C THR D 75 -0.49 -8.55 32.21
N ASP D 76 -0.48 -8.14 33.48
CA ASP D 76 -0.55 -6.72 33.87
C ASP D 76 0.76 -5.97 33.64
N LEU D 77 1.82 -6.72 33.32
CA LEU D 77 3.09 -6.14 32.83
C LEU D 77 3.03 -5.77 31.35
N ALA D 78 2.01 -6.26 30.63
CA ALA D 78 1.71 -5.67 29.32
C ALA D 78 1.09 -4.29 29.54
N GLY D 79 1.29 -3.39 28.57
CA GLY D 79 0.58 -2.11 28.55
C GLY D 79 -0.92 -2.36 28.46
N ASN D 80 -1.73 -1.42 28.93
CA ASN D 80 -3.16 -1.69 29.06
C ASN D 80 -3.95 -1.42 27.78
N THR D 81 -3.25 -0.88 26.76
CA THR D 81 -3.79 -0.72 25.38
C THR D 81 -2.81 -1.14 24.29
N GLU D 82 -3.33 -1.42 23.10
CA GLU D 82 -2.46 -1.76 21.96
C GLU D 82 -1.37 -0.72 21.74
N MET D 83 -1.73 0.55 21.90
CA MET D 83 -0.74 1.61 21.78
C MET D 83 0.20 1.69 22.97
N GLU D 84 -0.32 1.46 24.16
CA GLU D 84 0.56 1.30 25.29
C GLU D 84 1.59 0.23 24.95
N GLN D 85 1.14 -0.94 24.46
CA GLN D 85 2.08 -2.02 24.03
C GLN D 85 3.10 -1.52 22.95
N CYS D 86 2.68 -0.63 22.06
CA CYS D 86 3.63 -0.03 21.12
C CYS D 86 4.66 0.82 21.84
N HIS D 87 4.19 1.57 22.83
CA HIS D 87 5.04 2.40 23.63
C HIS D 87 5.97 1.57 24.49
N VAL D 88 5.44 0.46 24.99
CA VAL D 88 6.25 -0.48 25.79
C VAL D 88 7.42 -1.01 24.94
N ASP D 89 7.13 -1.55 23.77
CA ASP D 89 8.14 -1.97 22.81
C ASP D 89 9.13 -0.92 22.38
N ALA D 90 8.61 0.27 21.99
CA ALA D 90 9.49 1.34 21.55
C ALA D 90 10.55 1.68 22.60
N ILE D 91 10.12 1.82 23.84
CA ILE D 91 11.01 2.13 24.96
C ILE D 91 11.99 1.00 25.25
N VAL D 92 11.54 -0.25 25.14
CA VAL D 92 12.45 -1.38 25.31
C VAL D 92 13.50 -1.36 24.19
N ASP D 93 13.03 -1.14 22.97
CA ASP D 93 13.93 -1.11 21.85
C ASP D 93 14.87 0.10 21.86
N THR D 94 14.46 1.22 22.43
CA THR D 94 15.37 2.33 22.61
C THR D 94 16.50 1.97 23.58
N LEU D 95 16.13 1.32 24.67
CA LEU D 95 17.08 0.99 25.68
C LEU D 95 17.96 -0.11 25.13
N ASP D 96 17.37 -1.12 24.51
CA ASP D 96 18.16 -2.22 23.94
C ASP D 96 19.15 -1.74 22.90
N ASP D 97 18.74 -0.77 22.05
CA ASP D 97 19.59 -0.30 20.97
C ASP D 97 20.86 0.17 21.62
N PHE D 98 20.69 1.03 22.62
CA PHE D 98 21.84 1.54 23.26
C PHE D 98 22.71 0.45 23.89
N MET D 99 22.08 -0.45 24.66
CA MET D 99 22.75 -1.59 25.28
C MET D 99 23.48 -2.49 24.28
N SER D 100 22.95 -2.58 23.06
CA SER D 100 23.61 -3.37 22.02
C SER D 100 24.77 -2.68 21.29
N CYS D 101 24.92 -1.37 21.44
CA CYS D 101 26.08 -0.64 20.90
C CYS D 101 27.42 -1.02 21.57
N PHE D 102 27.37 -1.65 22.75
CA PHE D 102 28.57 -2.07 23.48
C PHE D 102 29.23 -3.34 22.95
N PRO D 103 30.55 -3.25 22.66
CA PRO D 103 31.37 -4.40 22.32
C PRO D 103 31.53 -5.31 23.53
N TRP D 104 30.52 -6.16 23.73
CA TRP D 104 30.50 -7.17 24.80
C TRP D 104 31.42 -8.33 24.44
N ALA D 105 31.40 -8.71 23.17
CA ALA D 105 32.21 -9.81 22.65
C ALA D 105 33.72 -9.52 22.66
N GLU D 106 34.08 -8.25 22.49
CA GLU D 106 35.47 -7.82 22.27
C GLU D 106 36.40 -8.16 23.45
N LYS D 107 37.19 -9.22 23.27
CA LYS D 107 38.28 -9.57 24.19
C LYS D 107 39.48 -8.62 23.98
N LYS D 108 39.42 -7.82 22.91
CA LYS D 108 40.41 -6.79 22.62
C LYS D 108 40.29 -5.66 23.63
N GLN D 109 41.12 -5.74 24.67
CA GLN D 109 40.96 -5.00 25.93
C GLN D 109 40.72 -3.49 25.84
N ASP D 110 41.63 -2.76 25.22
CA ASP D 110 41.59 -1.30 25.18
C ASP D 110 41.02 -0.71 23.88
N VAL D 111 40.50 -1.59 23.01
CA VAL D 111 39.57 -1.20 21.94
C VAL D 111 38.12 -1.38 22.45
N LYS D 112 37.89 -2.47 23.18
CA LYS D 112 36.66 -2.70 23.95
C LYS D 112 36.42 -1.58 24.99
N GLU D 113 37.31 -1.48 25.99
CA GLU D 113 37.25 -0.42 26.99
C GLU D 113 37.16 0.95 26.31
N GLN D 114 37.79 1.06 25.14
CA GLN D 114 37.79 2.29 24.33
C GLN D 114 36.40 2.77 23.90
N MET D 115 35.65 1.92 23.17
CA MET D 115 34.30 2.27 22.73
C MET D 115 33.30 2.33 23.91
N PHE D 116 33.57 1.58 24.98
CA PHE D 116 32.73 1.56 26.18
C PHE D 116 32.60 2.97 26.75
N ASN D 117 33.70 3.39 27.38
CA ASN D 117 33.78 4.69 28.02
C ASN D 117 33.67 5.81 26.99
N GLU D 118 33.61 5.45 25.70
CA GLU D 118 33.11 6.34 24.66
C GLU D 118 31.58 6.47 24.76
N LEU D 119 30.89 5.33 24.62
CA LEU D 119 29.43 5.32 24.52
C LEU D 119 28.80 5.79 25.82
N LEU D 120 29.42 5.34 26.92
CA LEU D 120 29.02 5.73 28.26
C LEU D 120 29.09 7.25 28.43
N THR D 121 30.29 7.80 28.41
CA THR D 121 30.48 9.19 28.82
C THR D 121 29.86 10.20 27.86
N TYR D 122 29.51 9.74 26.66
CA TYR D 122 29.04 10.64 25.64
C TYR D 122 27.65 10.35 25.06
N ASN D 123 27.29 9.07 24.95
CA ASN D 123 25.98 8.79 24.39
C ASN D 123 24.91 8.73 25.48
N ALA D 124 25.23 8.11 26.62
CA ALA D 124 24.33 8.07 27.78
C ALA D 124 23.72 9.44 28.17
N PRO D 125 24.56 10.49 28.35
CA PRO D 125 23.96 11.76 28.76
C PRO D 125 22.72 12.12 27.95
N HIS D 126 22.81 12.03 26.63
CA HIS D 126 21.68 12.37 25.73
C HIS D 126 20.55 11.37 25.92
N LEU D 127 20.90 10.10 26.06
CA LEU D 127 19.89 9.08 26.25
C LEU D 127 19.13 9.37 27.54
N MET D 128 19.85 9.34 28.68
CA MET D 128 19.24 9.63 30.00
C MET D 128 18.38 10.84 29.93
N GLN D 129 18.94 11.91 29.38
CA GLN D 129 18.22 13.16 29.32
C GLN D 129 16.88 13.00 28.61
N ASP D 130 16.83 12.23 27.53
CA ASP D 130 15.58 12.07 26.80
C ASP D 130 14.61 11.16 27.52
N LEU D 131 15.15 10.21 28.27
CA LEU D 131 14.31 9.36 29.12
C LEU D 131 13.62 10.22 30.13
N ASP D 132 14.41 11.09 30.78
CA ASP D 132 13.94 11.98 31.82
C ASP D 132 12.77 12.79 31.28
N THR D 133 13.00 13.43 30.15
CA THR D 133 11.98 14.25 29.48
C THR D 133 10.78 13.43 29.03
N TYR D 134 11.05 12.23 28.50
CA TYR D 134 9.95 11.34 28.13
C TYR D 134 9.12 11.08 29.35
N LEU D 135 9.79 10.60 30.41
CA LEU D 135 9.10 10.21 31.64
C LEU D 135 8.20 11.31 32.23
N GLY D 136 8.75 12.53 32.34
CA GLY D 136 7.99 13.69 32.82
C GLY D 136 7.59 13.56 34.28
N GLY D 137 6.32 13.83 34.58
CA GLY D 137 5.83 13.69 35.95
C GLY D 137 5.22 12.32 36.22
N ARG D 138 5.07 11.51 35.19
CA ARG D 138 4.35 10.24 35.33
C ARG D 138 5.02 9.25 36.31
N GLU D 139 4.22 8.35 36.87
CA GLU D 139 4.76 7.43 37.88
C GLU D 139 5.60 6.35 37.20
N TRP D 140 5.21 6.00 35.96
CA TRP D 140 5.71 4.81 35.23
C TRP D 140 5.97 5.15 33.77
N LEU D 141 6.86 4.41 33.10
CA LEU D 141 7.24 4.82 31.73
C LEU D 141 6.05 4.84 30.76
N ILE D 142 5.15 3.87 30.87
CA ILE D 142 4.00 3.80 30.02
C ILE D 142 2.72 3.74 30.87
N GLY D 143 1.77 4.62 30.54
CA GLY D 143 0.45 4.60 31.16
C GLY D 143 0.49 4.73 32.67
N ASN D 144 -0.49 4.10 33.33
CA ASN D 144 -0.85 4.32 34.74
C ASN D 144 -0.18 3.39 35.73
N SER D 145 0.54 2.38 35.23
CA SER D 145 0.99 1.23 36.02
C SER D 145 2.22 0.54 35.45
N VAL D 146 2.89 -0.26 36.28
CA VAL D 146 4.12 -0.96 35.90
C VAL D 146 4.01 -1.93 34.67
N THR D 147 5.04 -1.89 33.81
CA THR D 147 5.15 -2.74 32.64
C THR D 147 6.57 -3.21 32.61
N TRP D 148 6.89 -4.13 31.70
CA TRP D 148 8.25 -4.67 31.63
C TRP D 148 9.28 -3.68 31.03
N ALA D 149 8.78 -2.49 30.65
CA ALA D 149 9.65 -1.42 30.22
C ALA D 149 10.18 -0.79 31.46
N ASP D 150 9.33 -0.70 32.48
CA ASP D 150 9.82 -0.19 33.74
C ASP D 150 10.95 -1.08 34.23
N PHE D 151 10.78 -2.38 33.96
CA PHE D 151 11.69 -3.43 34.37
C PHE D 151 12.93 -3.22 33.57
N TYR D 152 12.85 -3.40 32.26
CA TYR D 152 14.00 -3.19 31.38
C TYR D 152 14.80 -1.95 31.76
N TRP D 153 14.10 -0.88 32.08
CA TRP D 153 14.81 0.37 32.43
C TRP D 153 15.65 0.16 33.66
N GLU D 154 15.06 -0.54 34.64
CA GLU D 154 15.77 -0.89 35.85
C GLU D 154 16.97 -1.77 35.59
N ILE D 155 16.77 -2.79 34.78
CA ILE D 155 17.82 -3.72 34.39
C ILE D 155 18.98 -2.99 33.71
N CYS D 156 18.69 -2.17 32.70
CA CYS D 156 19.73 -1.46 31.97
C CYS D 156 20.51 -0.49 32.83
N SER D 157 19.76 0.35 33.52
CA SER D 157 20.32 1.37 34.39
C SER D 157 21.35 0.79 35.39
N THR D 158 21.11 -0.43 35.88
CA THR D 158 21.97 -1.09 36.86
C THR D 158 23.39 -1.10 36.30
N THR D 159 23.57 -1.91 35.24
CA THR D 159 24.82 -2.06 34.52
C THR D 159 25.42 -0.70 34.08
N LEU D 160 24.60 0.15 33.50
CA LEU D 160 25.06 1.51 33.16
C LEU D 160 25.58 2.39 34.34
N LEU D 161 25.16 2.08 35.56
CA LEU D 161 25.77 2.71 36.76
C LEU D 161 27.15 2.17 37.00
N VAL D 162 27.31 0.85 36.81
CA VAL D 162 28.58 0.20 37.14
C VAL D 162 29.68 0.96 36.44
N PHE D 163 29.62 0.97 35.12
CA PHE D 163 30.60 1.63 34.29
C PHE D 163 30.63 3.13 34.48
N LYS D 164 29.47 3.75 34.72
CA LYS D 164 29.36 5.22 34.94
C LYS D 164 28.37 5.66 36.06
N PRO D 165 28.76 5.50 37.36
CA PRO D 165 27.78 5.70 38.46
C PRO D 165 27.29 7.14 38.65
N ASP D 166 27.90 8.08 37.92
CA ASP D 166 27.48 9.47 37.96
C ASP D 166 26.47 9.76 36.86
N LEU D 167 25.79 8.69 36.40
CA LEU D 167 24.87 8.72 35.25
C LEU D 167 23.51 9.38 35.50
N LEU D 168 22.90 9.10 36.66
CA LEU D 168 21.57 9.66 36.98
C LEU D 168 21.67 10.74 38.06
N ASP D 169 22.92 11.10 38.36
CA ASP D 169 23.24 12.19 39.25
C ASP D 169 22.44 13.46 38.95
N ASN D 170 21.94 13.61 37.74
CA ASN D 170 21.23 14.84 37.35
C ASN D 170 19.78 14.55 36.97
N HIS D 171 19.40 13.29 37.16
CA HIS D 171 18.08 12.77 36.79
C HIS D 171 17.50 12.04 37.98
N PRO D 172 16.90 12.80 38.92
CA PRO D 172 16.31 12.17 40.11
C PRO D 172 15.05 11.37 39.78
N ARG D 173 14.24 11.87 38.85
CA ARG D 173 13.01 11.20 38.43
C ARG D 173 13.27 9.87 37.78
N LEU D 174 14.46 9.73 37.19
CA LEU D 174 14.90 8.46 36.64
C LEU D 174 15.34 7.52 37.75
N VAL D 175 15.83 8.06 38.87
CA VAL D 175 16.21 7.26 40.07
C VAL D 175 14.95 6.90 40.89
N THR D 176 14.02 7.83 41.07
CA THR D 176 12.69 7.48 41.61
C THR D 176 12.17 6.21 40.94
N LEU D 177 12.21 6.18 39.62
CA LEU D 177 11.67 5.05 38.88
C LEU D 177 12.36 3.71 39.19
N ARG D 178 13.67 3.72 39.35
CA ARG D 178 14.46 2.56 39.81
C ARG D 178 14.03 2.10 41.22
N LYS D 179 14.01 3.03 42.17
CA LYS D 179 13.42 2.80 43.50
C LYS D 179 12.01 2.23 43.35
N LYS D 180 11.17 2.90 42.56
CA LYS D 180 9.78 2.46 42.39
C LYS D 180 9.78 1.01 42.01
N VAL D 181 10.66 0.63 41.08
CA VAL D 181 10.71 -0.72 40.58
C VAL D 181 11.37 -1.66 41.60
N GLN D 182 12.43 -1.21 42.27
CA GLN D 182 13.14 -2.08 43.21
C GLN D 182 12.31 -2.53 44.42
N ALA D 183 11.36 -1.68 44.82
CA ALA D 183 10.40 -1.93 45.91
C ALA D 183 9.25 -2.90 45.60
N ILE D 184 9.04 -3.26 44.33
CA ILE D 184 7.96 -4.20 44.05
C ILE D 184 8.28 -5.55 44.70
N PRO D 185 7.45 -5.99 45.68
CA PRO D 185 7.79 -7.12 46.57
C PRO D 185 8.51 -8.26 45.85
N ALA D 186 7.84 -8.78 44.83
CA ALA D 186 8.31 -9.91 44.04
C ALA D 186 9.65 -9.65 43.38
N VAL D 187 9.93 -8.37 43.11
CA VAL D 187 11.19 -7.90 42.50
C VAL D 187 12.34 -7.85 43.47
N ALA D 188 12.12 -7.16 44.60
CA ALA D 188 13.10 -7.08 45.69
C ALA D 188 13.41 -8.47 46.26
N ASN D 189 12.39 -9.32 46.29
CA ASN D 189 12.51 -10.75 46.53
C ASN D 189 13.70 -11.36 45.74
N TRP D 190 13.51 -11.51 44.43
CA TRP D 190 14.57 -11.93 43.49
C TRP D 190 15.90 -11.16 43.53
N ILE D 191 15.85 -9.86 43.79
CA ILE D 191 17.06 -9.01 43.75
C ILE D 191 18.04 -9.43 44.84
N LYS D 192 17.49 -9.97 45.92
CA LYS D 192 18.28 -10.27 47.10
C LYS D 192 18.85 -11.70 47.02
N ARG D 193 18.11 -12.62 46.37
CA ARG D 193 18.57 -14.01 46.16
C ARG D 193 19.24 -14.28 44.79
N ARG D 194 19.79 -13.23 44.18
CA ARG D 194 20.48 -13.35 42.88
C ARG D 194 22.02 -13.21 43.03
N PRO D 195 22.78 -14.06 42.31
CA PRO D 195 24.25 -13.97 42.35
C PRO D 195 24.73 -12.57 41.98
N GLN D 196 25.45 -11.93 42.90
CA GLN D 196 25.85 -10.51 42.73
C GLN D 196 27.07 -10.36 41.81
N THR D 197 26.80 -9.88 40.59
CA THR D 197 27.82 -9.74 39.57
C THR D 197 28.02 -8.25 39.20
N LYS D 198 29.02 -7.97 38.38
CA LYS D 198 29.17 -6.65 37.76
C LYS D 198 28.07 -6.49 36.70
N LEU D 199 27.88 -7.56 35.93
CA LEU D 199 27.03 -7.57 34.73
C LEU D 199 25.80 -8.49 34.84
#